data_3PGB
#
_entry.id   3PGB
#
_cell.length_a   179.861
_cell.length_b   179.861
_cell.length_c   148.178
_cell.angle_alpha   90.00
_cell.angle_beta   90.00
_cell.angle_gamma   90.00
#
_symmetry.space_group_name_H-M   'I 4 2 2'
#
loop_
_entity.id
_entity.type
_entity.pdbx_description
1 polymer 'Putative uncharacterized protein'
2 branched alpha-D-mannopyranose-(1-3)-beta-D-mannopyranose-(1-4)-2-acetamido-2-deoxy-beta-D-glucopyranose-(1-4)-2-acetamido-2-deoxy-beta-D-glucopyranose
3 branched 2-acetamido-2-deoxy-beta-D-glucopyranose-(1-4)-2-acetamido-2-deoxy-beta-D-glucopyranose
4 non-polymer 'COPPER (II) ION'
5 non-polymer 'CALCIUM ION'
6 non-polymer 2-acetamido-2-deoxy-beta-D-glucopyranose
7 water water
#
_entity_poly.entity_id   1
_entity_poly.type   'polypeptide(L)'
_entity_poly.pdbx_seq_one_letter_code
;GDVVATKLDPSRDLVRQKSRGRKNQMRSLVGRSNQHITHQSRPYTNEYASPCQITPPQEIKAPKENVWYGLTDDETADVA
KWLFGRPELNLTTTENAGEWDNTIALIELHRPNKSEAIPYLDGSGPAPTRHAHVRLNNRATTDPYFADILVGPLPVSNAT
TWEPLEFPYTRKTQGQVRNVEPDGETVYSEWLFKISASIADITLDLWNGTALGLENDTLDIWGIDPLWQDDGRIIRWDMF
WNMADDEFDSETLLPLGLYLKSDVTGRDPSQWKLLGWMYNDIFYETTEEFRKAYWSPGFVKLKPNVDGAWAHTEQRGPVP
PQDRKQPPVMIAPDGARYSVDAERKYVTWMDFSFYIAFNRDTGLSLFDIKYKGQRVLYELGLQEALAHYAANDPVQSSVA
YLDSYYGFGPYAFELLKGYDCPSYASYLNTSFYKDEETHTHVDSLCLFEFDADYPMARHSTSEFVSVTKNVYFTLRSVST
IGN(TPQ)DYMFSYNFHMDGTIGVEVRASGYIQSAYYANNQDFGYQIHDSLSGSMHDHVLNFKADFDILGPNNTIELVSV
VPVTKQFSWSGNKTRNTMQLGRSFIHSEDEARLNWGFNGQTQLHVVNQDKPNKFGEPRGYRILPSAGTAHLTVLNSSNLV
HAAHWAEYDVQVTRQHDFEPTSAHPYNSQDIHNPPVDFSTFFNGESLNQTDLVVWLNLGMHHVPHTGDLPNTVFTTAHSG
VAFTPLNYLPGDPSRETVNMVRVDYSDGAATAVRTFGQSNETCSVVLQPVENELWSYQGDVVVRKFPYDPNDPFYETDSD
A
;
_entity_poly.pdbx_strand_id   A
#
# COMPACT_ATOMS: atom_id res chain seq x y z
N ALA A 49 -29.53 -36.49 -2.01
CA ALA A 49 -28.67 -35.43 -2.62
C ALA A 49 -28.94 -34.07 -1.99
N SER A 50 -28.74 -33.97 -0.67
CA SER A 50 -29.07 -32.76 0.08
C SER A 50 -28.13 -31.59 -0.26
N PRO A 51 -28.64 -30.35 -0.26
CA PRO A 51 -27.79 -29.19 -0.52
C PRO A 51 -26.61 -29.03 0.44
N CYS A 52 -25.48 -28.54 -0.07
CA CYS A 52 -24.34 -28.22 0.76
C CYS A 52 -24.72 -27.07 1.70
N GLN A 53 -24.21 -27.12 2.91
CA GLN A 53 -24.48 -26.11 3.92
C GLN A 53 -23.34 -25.07 3.92
N ILE A 54 -23.57 -23.93 3.28
CA ILE A 54 -22.57 -22.87 3.19
C ILE A 54 -22.70 -21.99 4.43
N THR A 55 -22.15 -22.49 5.53
CA THR A 55 -22.30 -21.84 6.82
C THR A 55 -21.35 -20.66 6.94
N PRO A 56 -21.81 -19.53 7.52
CA PRO A 56 -20.94 -18.38 7.70
C PRO A 56 -19.82 -18.71 8.70
N PRO A 57 -18.86 -17.78 8.89
CA PRO A 57 -17.81 -18.07 9.87
C PRO A 57 -18.37 -18.17 11.29
N GLN A 58 -17.67 -18.88 12.16
CA GLN A 58 -18.08 -18.98 13.55
C GLN A 58 -18.03 -17.61 14.22
N GLU A 59 -19.00 -17.35 15.11
CA GLU A 59 -18.99 -16.15 15.95
C GLU A 59 -18.24 -16.45 17.23
N ILE A 60 -17.10 -15.80 17.41
CA ILE A 60 -16.35 -15.90 18.65
C ILE A 60 -16.15 -14.52 19.26
N LYS A 61 -15.67 -14.49 20.50
CA LYS A 61 -15.29 -13.24 21.15
C LYS A 61 -13.78 -13.21 21.41
N ALA A 62 -13.11 -12.20 20.85
CA ALA A 62 -11.67 -12.04 21.02
C ALA A 62 -11.32 -11.99 22.50
N PRO A 63 -10.17 -12.56 22.89
CA PRO A 63 -9.78 -12.57 24.30
C PRO A 63 -9.52 -11.19 24.90
N LYS A 64 -9.19 -10.22 24.06
CA LYS A 64 -8.92 -8.85 24.49
C LYS A 64 -9.64 -7.86 23.59
N GLU A 65 -9.82 -6.64 24.06
CA GLU A 65 -10.36 -5.59 23.21
CA GLU A 65 -10.32 -5.52 23.25
C GLU A 65 -9.37 -5.29 22.09
N ASN A 66 -9.88 -4.78 20.97
CA ASN A 66 -9.02 -4.42 19.85
C ASN A 66 -8.58 -2.97 20.06
N VAL A 67 -7.39 -2.80 20.61
CA VAL A 67 -6.89 -1.51 21.03
C VAL A 67 -6.30 -0.68 19.86
N TRP A 68 -6.30 -1.24 18.64
CA TRP A 68 -5.70 -0.59 17.48
C TRP A 68 -6.66 -0.18 16.36
N TYR A 69 -7.80 -0.84 16.24
CA TYR A 69 -8.61 -0.75 15.02
C TYR A 69 -8.96 0.68 14.59
N GLY A 70 -9.53 1.45 15.51
CA GLY A 70 -9.96 2.80 15.21
C GLY A 70 -11.00 3.33 16.17
N LEU A 71 -11.43 4.56 15.93
CA LEU A 71 -12.45 5.21 16.76
C LEU A 71 -13.83 4.65 16.43
N THR A 72 -14.68 4.53 17.43
CA THR A 72 -16.09 4.24 17.18
C THR A 72 -16.74 5.51 16.64
N ASP A 73 -17.89 5.36 16.01
CA ASP A 73 -18.61 6.50 15.46
C ASP A 73 -18.89 7.60 16.50
N ASP A 74 -19.32 7.19 17.69
CA ASP A 74 -19.63 8.11 18.77
C ASP A 74 -18.38 8.91 19.19
N GLU A 75 -17.28 8.20 19.40
CA GLU A 75 -16.01 8.84 19.77
C GLU A 75 -15.61 9.90 18.76
N THR A 76 -15.66 9.54 17.48
CA THR A 76 -15.33 10.43 16.38
C THR A 76 -16.25 11.65 16.36
N ALA A 77 -17.53 11.42 16.68
CA ALA A 77 -18.51 12.49 16.79
C ALA A 77 -18.22 13.40 17.99
N ASP A 78 -17.95 12.79 19.15
CA ASP A 78 -17.65 13.53 20.36
C ASP A 78 -16.40 14.41 20.20
N VAL A 79 -15.35 13.85 19.59
CA VAL A 79 -14.10 14.57 19.37
C VAL A 79 -14.29 15.75 18.41
N ALA A 80 -15.05 15.54 17.33
CA ALA A 80 -15.33 16.64 16.40
C ALA A 80 -16.00 17.81 17.12
N LYS A 81 -17.08 17.50 17.81
CA LYS A 81 -17.83 18.50 18.58
C LYS A 81 -16.92 19.24 19.57
N TRP A 82 -16.08 18.48 20.28
CA TRP A 82 -15.13 19.04 21.25
C TRP A 82 -14.16 20.01 20.61
N LEU A 83 -13.60 19.61 19.47
CA LEU A 83 -12.61 20.42 18.76
C LEU A 83 -13.19 21.77 18.33
N PHE A 84 -14.45 21.77 17.88
CA PHE A 84 -15.08 23.01 17.43
C PHE A 84 -15.42 23.92 18.61
N GLY A 85 -15.58 23.35 19.79
CA GLY A 85 -15.80 24.09 21.01
C GLY A 85 -14.52 24.56 21.69
N ARG A 86 -13.38 24.40 21.02
CA ARG A 86 -12.12 24.93 21.49
C ARG A 86 -11.81 26.20 20.69
N PRO A 87 -12.05 27.39 21.27
CA PRO A 87 -11.83 28.64 20.51
C PRO A 87 -10.37 28.91 20.16
N GLU A 88 -9.43 28.46 20.98
CA GLU A 88 -8.01 28.61 20.65
C GLU A 88 -7.64 27.97 19.31
N LEU A 89 -8.31 26.88 18.95
CA LEU A 89 -8.09 26.22 17.67
C LEU A 89 -8.81 26.94 16.54
N ASN A 90 -9.89 27.65 16.87
CA ASN A 90 -10.57 28.51 15.92
C ASN A 90 -10.82 27.80 14.59
N LEU A 91 -11.57 26.69 14.66
CA LEU A 91 -11.80 25.82 13.52
C LEU A 91 -13.08 26.17 12.80
N THR A 92 -13.07 26.01 11.47
CA THR A 92 -14.25 26.17 10.63
C THR A 92 -14.60 24.82 9.99
N THR A 93 -15.90 24.54 9.83
CA THR A 93 -16.34 23.31 9.17
C THR A 93 -15.99 23.38 7.68
N THR A 94 -15.82 22.21 7.08
CA THR A 94 -15.49 22.09 5.66
C THR A 94 -16.51 22.78 4.75
N GLU A 95 -17.79 22.62 5.07
CA GLU A 95 -18.88 23.21 4.28
C GLU A 95 -18.77 24.73 4.24
N ASN A 96 -18.43 25.32 5.38
CA ASN A 96 -18.21 26.77 5.48
C ASN A 96 -16.81 27.21 5.07
N ALA A 97 -15.86 26.27 5.00
CA ALA A 97 -14.45 26.61 4.80
C ALA A 97 -14.11 26.88 3.34
N GLY A 98 -13.10 27.74 3.14
CA GLY A 98 -12.51 27.98 1.83
C GLY A 98 -11.03 27.66 1.93
N GLU A 99 -10.19 28.57 1.43
CA GLU A 99 -8.75 28.39 1.48
C GLU A 99 -8.02 29.12 2.62
N TRP A 100 -8.74 29.92 3.41
CA TRP A 100 -8.08 30.76 4.43
C TRP A 100 -8.62 30.54 5.83
N ASP A 101 -9.04 29.31 6.10
CA ASP A 101 -9.65 28.94 7.37
C ASP A 101 -8.80 27.87 8.05
N ASN A 102 -9.21 27.46 9.24
CA ASN A 102 -8.59 26.32 9.92
C ASN A 102 -9.57 25.16 9.93
N THR A 103 -9.17 24.02 9.37
CA THR A 103 -10.07 22.89 9.25
C THR A 103 -9.46 21.62 9.83
N ILE A 104 -10.33 20.63 10.05
CA ILE A 104 -9.93 19.34 10.61
C ILE A 104 -9.64 18.38 9.45
N ALA A 105 -8.36 18.08 9.23
CA ALA A 105 -7.97 17.18 8.15
C ALA A 105 -8.22 15.72 8.53
N LEU A 106 -8.06 15.38 9.80
CA LEU A 106 -8.22 13.99 10.23
C LEU A 106 -8.54 13.88 11.71
N ILE A 107 -9.41 12.94 12.04
CA ILE A 107 -9.64 12.52 13.42
C ILE A 107 -9.62 10.99 13.40
N GLU A 108 -8.69 10.41 14.16
CA GLU A 108 -8.54 8.96 14.21
C GLU A 108 -8.05 8.53 15.58
N LEU A 109 -8.07 7.22 15.81
CA LEU A 109 -7.53 6.65 17.04
C LEU A 109 -6.03 6.80 17.01
N HIS A 110 -5.48 7.36 18.08
CA HIS A 110 -4.04 7.29 18.27
C HIS A 110 -3.76 5.87 18.73
N ARG A 111 -2.93 5.13 17.98
CA ARG A 111 -2.60 3.77 18.37
C ARG A 111 -1.74 3.76 19.61
N PRO A 112 -2.07 2.90 20.57
CA PRO A 112 -1.32 2.88 21.81
C PRO A 112 0.10 2.34 21.62
N ASN A 113 1.01 2.78 22.47
CA ASN A 113 2.38 2.31 22.45
C ASN A 113 2.42 0.80 22.71
N LYS A 114 3.40 0.13 22.10
CA LYS A 114 3.58 -1.31 22.30
C LYS A 114 3.79 -1.64 23.78
N SER A 115 4.49 -0.76 24.48
CA SER A 115 4.75 -0.94 25.91
C SER A 115 3.46 -0.90 26.75
N GLU A 116 2.43 -0.24 26.25
CA GLU A 116 1.07 -0.27 26.85
C GLU A 116 0.29 -1.51 26.42
N ALA A 117 0.40 -1.86 25.13
CA ALA A 117 -0.40 -2.94 24.56
C ALA A 117 0.02 -4.31 25.06
N ILE A 118 1.32 -4.57 25.11
CA ILE A 118 1.84 -5.91 25.45
C ILE A 118 1.41 -6.39 26.84
N PRO A 119 1.53 -5.53 27.88
CA PRO A 119 1.04 -5.93 29.20
C PRO A 119 -0.48 -6.15 29.29
N TYR A 120 -1.25 -5.44 28.47
CA TYR A 120 -2.70 -5.67 28.37
C TYR A 120 -3.00 -7.02 27.71
N LEU A 121 -2.31 -7.34 26.62
CA LEU A 121 -2.50 -8.60 25.91
C LEU A 121 -1.95 -9.79 26.70
N ASP A 122 -0.76 -9.65 27.26
CA ASP A 122 -0.06 -10.77 27.91
C ASP A 122 -0.29 -10.89 29.42
N GLY A 123 -0.94 -9.90 30.03
CA GLY A 123 -1.22 -9.93 31.47
C GLY A 123 -2.50 -9.21 31.87
N ALA A 127 -6.23 -2.31 29.99
CA ALA A 127 -6.70 -1.84 28.67
C ALA A 127 -6.29 -0.39 28.45
N PRO A 128 -5.36 -0.14 27.50
CA PRO A 128 -4.83 1.22 27.35
C PRO A 128 -5.91 2.30 27.20
N THR A 129 -5.71 3.43 27.86
CA THR A 129 -6.65 4.54 27.75
C THR A 129 -6.61 5.02 26.31
N ARG A 130 -7.78 5.26 25.74
CA ARG A 130 -7.86 5.67 24.35
C ARG A 130 -7.59 7.15 24.23
N HIS A 131 -6.86 7.52 23.18
CA HIS A 131 -6.67 8.93 22.79
C HIS A 131 -6.88 9.05 21.30
N ALA A 132 -7.36 10.21 20.87
CA ALA A 132 -7.51 10.50 19.44
C ALA A 132 -6.24 11.19 18.93
N HIS A 133 -5.88 10.86 17.69
CA HIS A 133 -4.88 11.60 16.94
C HIS A 133 -5.66 12.52 15.99
N VAL A 134 -5.39 13.82 16.06
CA VAL A 134 -6.09 14.78 15.20
C VAL A 134 -5.07 15.56 14.38
N ARG A 135 -5.43 15.85 13.14
CA ARG A 135 -4.64 16.71 12.25
C ARG A 135 -5.43 17.92 11.83
N LEU A 136 -4.82 19.08 11.96
CA LEU A 136 -5.46 20.33 11.59
C LEU A 136 -4.76 20.91 10.38
N ASN A 137 -5.55 21.39 9.42
CA ASN A 137 -5.03 22.16 8.30
C ASN A 137 -5.25 23.63 8.62
N ASN A 138 -4.19 24.29 9.09
CA ASN A 138 -4.28 25.70 9.46
C ASN A 138 -3.93 26.61 8.29
N ARG A 139 -4.94 27.18 7.66
CA ARG A 139 -4.73 28.08 6.52
C ARG A 139 -5.20 29.51 6.78
N ALA A 140 -5.46 29.86 8.04
CA ALA A 140 -5.75 31.24 8.43
C ALA A 140 -4.43 31.94 8.73
N THR A 141 -3.59 32.07 7.71
CA THR A 141 -2.19 32.49 7.90
C THR A 141 -1.47 32.51 6.55
N THR A 142 -0.45 33.36 6.42
CA THR A 142 0.40 33.34 5.23
C THR A 142 1.52 32.31 5.34
N ASP A 143 1.66 31.67 6.50
CA ASP A 143 2.52 30.50 6.64
C ASP A 143 1.68 29.28 7.06
N PRO A 144 0.82 28.79 6.15
CA PRO A 144 -0.07 27.67 6.46
C PRO A 144 0.67 26.39 6.84
N TYR A 145 0.07 25.59 7.72
CA TYR A 145 0.74 24.40 8.25
C TYR A 145 -0.23 23.31 8.71
N PHE A 146 0.26 22.07 8.70
CA PHE A 146 -0.49 20.93 9.23
C PHE A 146 -0.05 20.73 10.67
N ALA A 147 -0.97 20.31 11.53
CA ALA A 147 -0.68 20.17 12.94
C ALA A 147 -1.17 18.83 13.50
N ASP A 148 -0.23 17.97 13.86
CA ASP A 148 -0.54 16.73 14.57
C ASP A 148 -0.70 17.01 16.08
N ILE A 149 -1.87 16.66 16.63
CA ILE A 149 -2.15 16.84 18.07
C ILE A 149 -2.75 15.56 18.67
N LEU A 150 -2.76 15.47 20.01
CA LEU A 150 -3.42 14.38 20.72
C LEU A 150 -4.62 14.90 21.49
N VAL A 151 -5.78 14.27 21.32
CA VAL A 151 -6.97 14.63 22.06
C VAL A 151 -7.39 13.46 22.98
N GLY A 152 -7.37 13.71 24.28
CA GLY A 152 -7.72 12.69 25.26
C GLY A 152 -7.62 13.17 26.69
N PRO A 153 -7.94 12.30 27.66
CA PRO A 153 -8.38 10.90 27.44
C PRO A 153 -9.80 10.81 26.91
N LEU A 154 -10.11 9.68 26.29
CA LEU A 154 -11.47 9.36 25.90
C LEU A 154 -12.05 8.40 26.94
N PRO A 155 -13.38 8.36 27.10
CA PRO A 155 -14.39 9.17 26.40
C PRO A 155 -14.26 10.66 26.67
N VAL A 156 -14.77 11.49 25.77
CA VAL A 156 -14.70 12.94 25.94
C VAL A 156 -15.41 13.34 27.22
N SER A 157 -14.73 14.16 28.03
CA SER A 157 -15.24 14.59 29.32
C SER A 157 -14.64 15.96 29.66
N ASN A 158 -14.88 16.42 30.88
CA ASN A 158 -14.21 17.62 31.39
C ASN A 158 -12.70 17.42 31.52
N ALA A 159 -12.27 16.18 31.72
CA ALA A 159 -10.84 15.85 31.85
C ALA A 159 -10.10 15.90 30.51
N THR A 160 -10.83 15.87 29.40
CA THR A 160 -10.22 15.81 28.07
C THR A 160 -9.46 17.10 27.71
N THR A 161 -8.24 16.91 27.19
CA THR A 161 -7.37 18.00 26.78
C THR A 161 -6.85 17.76 25.36
N TRP A 162 -6.16 18.76 24.80
CA TRP A 162 -5.35 18.55 23.60
C TRP A 162 -3.93 19.05 23.82
N GLU A 163 -3.01 18.53 23.02
CA GLU A 163 -1.62 18.99 23.04
C GLU A 163 -0.92 18.63 21.74
N PRO A 164 0.19 19.34 21.43
CA PRO A 164 1.02 18.95 20.30
C PRO A 164 1.52 17.50 20.43
N LEU A 165 1.66 16.83 19.30
CA LEU A 165 2.19 15.46 19.24
C LEU A 165 3.49 15.46 18.47
N GLU A 166 4.61 15.24 19.16
CA GLU A 166 5.90 15.08 18.47
C GLU A 166 6.66 13.82 18.88
N PHE A 167 6.03 12.95 19.68
CA PHE A 167 6.68 11.74 20.16
C PHE A 167 7.02 10.78 19.01
N PRO A 168 6.04 10.47 18.14
CA PRO A 168 6.27 9.47 17.09
C PRO A 168 6.87 10.00 15.78
N TYR A 169 7.43 11.21 15.80
CA TYR A 169 8.08 11.78 14.63
C TYR A 169 9.54 12.11 14.96
N THR A 170 10.41 12.04 13.95
CA THR A 170 11.84 12.30 14.13
C THR A 170 12.13 13.80 14.12
N ARG A 171 11.41 14.53 13.26
CA ARG A 171 11.36 15.99 13.35
C ARG A 171 10.67 16.39 14.65
N LYS A 172 11.30 17.29 15.40
CA LYS A 172 10.75 17.74 16.67
C LYS A 172 10.33 19.21 16.57
N THR A 173 9.12 19.41 16.07
CA THR A 173 8.59 20.74 15.77
C THR A 173 7.12 20.84 16.24
N GLN A 174 6.85 20.29 17.43
CA GLN A 174 5.51 20.29 18.02
C GLN A 174 4.41 19.75 17.09
N GLY A 175 4.80 18.77 16.25
CA GLY A 175 3.86 18.14 15.31
C GLY A 175 3.45 18.99 14.12
N GLN A 176 4.20 20.05 13.84
CA GLN A 176 3.84 20.99 12.77
C GLN A 176 4.74 20.84 11.56
N VAL A 177 4.14 20.91 10.38
CA VAL A 177 4.88 20.92 9.13
C VAL A 177 4.12 21.83 8.18
N ARG A 178 4.85 22.53 7.32
CA ARG A 178 4.21 23.49 6.43
C ARG A 178 3.23 22.80 5.49
N ASN A 179 2.26 23.57 4.99
CA ASN A 179 1.35 23.11 3.96
C ASN A 179 1.79 23.77 2.66
N VAL A 180 2.39 22.98 1.78
CA VAL A 180 3.03 23.51 0.56
C VAL A 180 2.04 23.73 -0.59
N GLU A 181 0.79 23.26 -0.43
CA GLU A 181 -0.26 23.49 -1.42
C GLU A 181 -1.54 24.04 -0.77
N PRO A 182 -1.46 25.25 -0.19
CA PRO A 182 -2.60 25.84 0.50
C PRO A 182 -3.60 26.55 -0.40
N ASP A 183 -3.23 26.78 -1.67
CA ASP A 183 -4.05 27.59 -2.57
C ASP A 183 -4.51 26.80 -3.79
N GLY A 184 -5.03 25.59 -3.55
CA GLY A 184 -5.44 24.69 -4.62
C GLY A 184 -6.35 25.31 -5.68
N GLU A 185 -7.31 26.13 -5.25
CA GLU A 185 -8.19 26.83 -6.19
C GLU A 185 -7.51 28.05 -6.81
N THR A 186 -6.98 28.94 -5.98
CA THR A 186 -6.35 30.18 -6.47
C THR A 186 -5.25 29.92 -7.50
N VAL A 187 -4.47 28.86 -7.30
CA VAL A 187 -3.42 28.47 -8.25
C VAL A 187 -3.95 28.25 -9.66
N TYR A 188 -5.25 27.96 -9.78
CA TYR A 188 -5.87 27.79 -11.09
C TYR A 188 -6.50 29.09 -11.60
N SER A 189 -7.45 29.65 -10.85
CA SER A 189 -8.23 30.79 -11.32
C SER A 189 -7.40 32.07 -11.48
N GLU A 190 -6.37 32.23 -10.64
CA GLU A 190 -5.57 33.45 -10.64
C GLU A 190 -4.20 33.27 -11.28
N TRP A 191 -3.92 32.07 -11.78
CA TRP A 191 -2.61 31.78 -12.37
C TRP A 191 -2.70 30.88 -13.61
N LEU A 192 -2.86 29.57 -13.43
CA LEU A 192 -2.77 28.61 -14.54
C LEU A 192 -3.72 28.91 -15.68
N PHE A 193 -5.00 29.12 -15.36
CA PHE A 193 -6.00 29.42 -16.38
C PHE A 193 -5.76 30.76 -17.06
N LYS A 194 -5.24 31.73 -16.32
CA LYS A 194 -4.91 33.03 -16.90
C LYS A 194 -3.74 32.89 -17.88
N ILE A 195 -2.71 32.15 -17.48
CA ILE A 195 -1.58 31.85 -18.36
C ILE A 195 -2.03 31.04 -19.57
N SER A 196 -2.92 30.08 -19.35
CA SER A 196 -3.43 29.26 -20.43
C SER A 196 -4.24 30.07 -21.43
N ALA A 197 -5.00 31.05 -20.94
CA ALA A 197 -5.73 31.97 -21.82
C ALA A 197 -4.77 32.83 -22.65
N SER A 198 -3.57 33.03 -22.12
CA SER A 198 -2.49 33.71 -22.85
C SER A 198 -2.07 32.96 -24.13
N ILE A 199 -2.27 31.64 -24.12
CA ILE A 199 -1.94 30.78 -25.26
C ILE A 199 -3.13 29.94 -25.72
N ALA A 200 -4.34 30.46 -25.54
CA ALA A 200 -5.56 29.75 -25.93
C ALA A 200 -5.60 29.50 -27.43
N ASP A 201 -5.17 30.50 -28.20
CA ASP A 201 -5.08 30.35 -29.65
C ASP A 201 -4.11 29.23 -30.02
N ILE A 202 -3.04 29.08 -29.25
CA ILE A 202 -2.04 28.05 -29.49
C ILE A 202 -2.55 26.66 -29.12
N THR A 203 -3.24 26.54 -27.99
CA THR A 203 -3.80 25.24 -27.57
C THR A 203 -4.94 24.80 -28.48
N LEU A 204 -5.58 25.75 -29.15
CA LEU A 204 -6.61 25.46 -30.14
C LEU A 204 -5.99 24.92 -31.42
N ASP A 205 -4.86 25.52 -31.82
CA ASP A 205 -4.18 25.12 -33.05
C ASP A 205 -3.46 23.78 -32.89
N LEU A 206 -3.04 23.47 -31.67
CA LEU A 206 -2.21 22.31 -31.40
C LEU A 206 -3.09 21.08 -31.25
N TRP A 207 -4.19 21.21 -30.51
CA TRP A 207 -5.04 20.08 -30.15
C TRP A 207 -6.57 20.34 -30.20
N ASN A 208 -7.00 21.41 -30.87
CA ASN A 208 -8.41 21.83 -30.90
C ASN A 208 -9.02 21.90 -29.50
N GLY A 209 -8.27 22.44 -28.54
CA GLY A 209 -8.73 22.50 -27.15
C GLY A 209 -8.36 23.75 -26.38
N THR A 210 -9.00 23.93 -25.23
CA THR A 210 -8.70 25.02 -24.32
C THR A 210 -8.87 24.57 -22.87
N ALA A 211 -8.06 25.14 -21.99
CA ALA A 211 -8.25 25.06 -20.53
C ALA A 211 -8.37 26.49 -20.00
N LEU A 212 -9.60 26.91 -19.69
CA LEU A 212 -9.86 28.25 -19.16
C LEU A 212 -10.63 28.28 -17.83
N GLY A 213 -11.19 27.15 -17.43
CA GLY A 213 -12.03 27.07 -16.22
C GLY A 213 -13.52 27.17 -16.51
N LEU A 214 -13.92 26.82 -17.73
CA LEU A 214 -15.31 26.89 -18.19
C LEU A 214 -15.87 25.50 -18.43
N GLU A 215 -17.18 25.43 -18.68
CA GLU A 215 -17.84 24.16 -19.03
C GLU A 215 -17.33 23.61 -20.36
N ASN A 216 -17.00 24.49 -21.30
CA ASN A 216 -16.51 24.04 -22.61
C ASN A 216 -15.04 23.53 -22.62
N ASP A 217 -14.37 23.54 -21.47
CA ASP A 217 -13.00 23.03 -21.34
C ASP A 217 -12.85 21.62 -21.90
N THR A 218 -11.89 21.44 -22.80
CA THR A 218 -11.52 20.14 -23.34
C THR A 218 -10.12 19.70 -22.89
N LEU A 219 -9.39 20.59 -22.22
CA LEU A 219 -8.05 20.31 -21.74
C LEU A 219 -7.98 20.45 -20.23
N ASP A 220 -6.98 19.82 -19.64
CA ASP A 220 -6.74 19.88 -18.20
C ASP A 220 -5.28 20.23 -17.94
N ILE A 221 -5.00 20.88 -16.82
CA ILE A 221 -3.64 21.26 -16.43
C ILE A 221 -3.29 20.75 -15.03
N TRP A 222 -2.21 19.99 -14.94
CA TRP A 222 -1.65 19.56 -13.66
C TRP A 222 -0.25 19.01 -13.86
N GLY A 223 0.47 18.79 -12.76
CA GLY A 223 1.89 18.47 -12.84
C GLY A 223 2.45 17.59 -11.74
N ILE A 224 3.34 18.16 -10.93
CA ILE A 224 4.28 17.39 -10.14
C ILE A 224 3.88 17.18 -8.67
N ASP A 225 4.37 16.07 -8.12
CA ASP A 225 4.25 15.74 -6.72
C ASP A 225 5.52 14.96 -6.36
N PRO A 226 6.32 15.48 -5.41
CA PRO A 226 6.16 16.74 -4.68
C PRO A 226 6.48 17.95 -5.54
N LEU A 227 6.14 19.13 -5.04
CA LEU A 227 6.54 20.37 -5.66
C LEU A 227 8.03 20.60 -5.39
N TRP A 228 8.70 21.32 -6.29
CA TRP A 228 10.13 21.60 -6.14
C TRP A 228 10.34 22.53 -4.96
N GLN A 229 11.32 22.18 -4.11
CA GLN A 229 11.54 22.88 -2.85
C GLN A 229 13.03 23.21 -2.67
N ASP A 230 13.57 23.92 -3.64
CA ASP A 230 14.96 24.40 -3.57
C ASP A 230 15.01 25.77 -2.89
N ASP A 231 15.68 25.83 -1.74
CA ASP A 231 16.13 27.09 -1.14
C ASP A 231 15.02 28.10 -0.79
N GLY A 232 14.01 27.64 -0.06
CA GLY A 232 12.91 28.51 0.36
C GLY A 232 11.79 28.68 -0.67
N ARG A 233 12.12 28.55 -1.95
CA ARG A 233 11.15 28.72 -3.03
C ARG A 233 10.31 27.46 -3.20
N ILE A 234 9.09 27.65 -3.71
CA ILE A 234 8.20 26.53 -4.04
C ILE A 234 7.86 26.64 -5.52
N ILE A 235 8.30 25.65 -6.31
CA ILE A 235 8.22 25.72 -7.77
C ILE A 235 7.37 24.59 -8.35
N ARG A 236 6.60 24.93 -9.37
CA ARG A 236 5.70 24.02 -10.07
C ARG A 236 6.20 23.77 -11.48
N TRP A 237 5.99 22.56 -11.98
CA TRP A 237 6.08 22.24 -13.40
C TRP A 237 4.75 21.58 -13.77
N ASP A 238 4.01 22.18 -14.71
CA ASP A 238 2.71 21.66 -15.10
C ASP A 238 2.65 21.36 -16.59
N MET A 239 1.68 20.53 -16.96
CA MET A 239 1.51 20.06 -18.33
C MET A 239 0.04 20.13 -18.71
N PHE A 240 -0.24 20.32 -20.00
CA PHE A 240 -1.60 20.18 -20.50
C PHE A 240 -1.89 18.69 -20.74
N TRP A 241 -3.10 18.26 -20.39
CA TRP A 241 -3.58 16.91 -20.72
C TRP A 241 -4.88 17.01 -21.50
N ASN A 242 -5.16 16.02 -22.34
CA ASN A 242 -6.49 15.87 -22.95
C ASN A 242 -7.45 15.22 -21.96
N MET A 243 -8.71 15.61 -22.03
CA MET A 243 -9.73 15.06 -21.16
C MET A 243 -10.29 13.76 -21.74
N ALA A 244 -10.66 12.85 -20.85
CA ALA A 244 -11.25 11.58 -21.24
C ALA A 244 -12.71 11.80 -21.57
N ASP A 245 -13.29 10.88 -22.35
CA ASP A 245 -14.72 10.93 -22.65
C ASP A 245 -15.53 10.71 -21.37
N ASP A 246 -16.79 11.10 -21.39
CA ASP A 246 -17.65 11.01 -20.21
C ASP A 246 -17.76 9.56 -19.73
N GLU A 247 -17.57 9.35 -18.43
CA GLU A 247 -17.65 8.02 -17.82
C GLU A 247 -16.52 7.06 -18.25
N PHE A 248 -15.35 7.64 -18.53
CA PHE A 248 -14.10 6.87 -18.65
C PHE A 248 -13.00 7.56 -17.82
N ASP A 249 -12.08 6.78 -17.26
CA ASP A 249 -11.05 7.32 -16.37
C ASP A 249 -9.66 7.24 -17.00
N SER A 250 -9.54 7.72 -18.24
CA SER A 250 -8.35 7.47 -19.04
C SER A 250 -7.42 8.68 -19.25
N GLU A 251 -7.58 9.73 -18.44
CA GLU A 251 -6.83 10.97 -18.67
C GLU A 251 -5.32 10.79 -18.53
N THR A 252 -4.89 9.97 -17.59
CA THR A 252 -3.46 9.74 -17.39
C THR A 252 -2.79 9.07 -18.59
N LEU A 253 -3.57 8.61 -19.57
CA LEU A 253 -3.04 8.16 -20.87
C LEU A 253 -3.05 9.25 -21.96
N LEU A 254 -3.35 10.50 -21.60
CA LEU A 254 -3.55 11.56 -22.60
C LEU A 254 -2.70 12.83 -22.40
N PRO A 255 -1.37 12.66 -22.17
CA PRO A 255 -0.51 13.85 -22.07
C PRO A 255 -0.41 14.59 -23.40
N LEU A 256 -0.14 15.90 -23.36
CA LEU A 256 -0.11 16.72 -24.58
C LEU A 256 1.25 17.36 -24.90
N GLY A 257 2.11 17.52 -23.89
CA GLY A 257 3.53 17.78 -24.13
C GLY A 257 3.98 19.24 -24.10
N LEU A 258 3.18 20.10 -23.49
CA LEU A 258 3.53 21.50 -23.32
C LEU A 258 3.64 21.76 -21.83
N TYR A 259 4.81 22.25 -21.40
CA TYR A 259 5.13 22.36 -19.99
C TYR A 259 5.31 23.81 -19.55
N LEU A 260 5.03 24.07 -18.28
CA LEU A 260 4.96 25.42 -17.73
C LEU A 260 5.59 25.45 -16.35
N LYS A 261 6.71 26.18 -16.21
CA LYS A 261 7.38 26.31 -14.93
C LYS A 261 6.90 27.57 -14.22
N SER A 262 6.59 27.43 -12.93
CA SER A 262 6.04 28.54 -12.14
C SER A 262 6.69 28.62 -10.75
N ASP A 263 7.11 29.82 -10.36
CA ASP A 263 7.48 30.07 -8.97
C ASP A 263 6.22 30.51 -8.24
N VAL A 264 5.69 29.63 -7.39
CA VAL A 264 4.46 29.90 -6.65
C VAL A 264 4.76 30.08 -5.14
N THR A 265 5.89 30.70 -4.83
CA THR A 265 6.28 30.93 -3.44
C THR A 265 5.37 32.00 -2.82
N GLY A 266 4.85 31.71 -1.64
CA GLY A 266 3.93 32.60 -0.95
C GLY A 266 2.50 32.41 -1.44
N ARG A 267 1.57 33.11 -0.79
CA ARG A 267 0.15 33.01 -1.09
C ARG A 267 -0.42 34.25 -1.80
N ASP A 268 0.47 35.11 -2.32
CA ASP A 268 0.06 36.29 -3.11
C ASP A 268 0.35 36.00 -4.57
N PRO A 269 -0.70 35.81 -5.40
CA PRO A 269 -0.46 35.48 -6.81
C PRO A 269 0.21 36.59 -7.64
N SER A 270 0.19 37.84 -7.14
CA SER A 270 0.86 38.94 -7.85
C SER A 270 2.39 38.89 -7.69
N GLN A 271 2.87 38.04 -6.78
CA GLN A 271 4.31 37.80 -6.59
C GLN A 271 4.80 36.50 -7.25
N TRP A 272 3.89 35.72 -7.85
CA TRP A 272 4.29 34.49 -8.55
C TRP A 272 4.84 34.84 -9.93
N LYS A 273 5.80 34.04 -10.39
CA LYS A 273 6.52 34.30 -11.64
C LYS A 273 6.48 33.10 -12.59
N LEU A 274 6.47 33.38 -13.88
CA LEU A 274 6.43 32.35 -14.92
C LEU A 274 7.87 32.11 -15.35
N LEU A 275 8.44 31.00 -14.88
CA LEU A 275 9.87 30.75 -15.08
C LEU A 275 10.20 30.24 -16.48
N GLY A 276 9.21 29.68 -17.16
CA GLY A 276 9.41 29.23 -18.54
C GLY A 276 8.40 28.24 -19.08
N TRP A 277 8.59 27.88 -20.35
CA TRP A 277 7.80 26.87 -21.05
C TRP A 277 8.74 25.83 -21.63
N MET A 278 8.25 24.62 -21.87
CA MET A 278 9.00 23.63 -22.67
C MET A 278 8.09 22.93 -23.66
N TYR A 279 8.62 22.66 -24.85
CA TYR A 279 7.90 21.93 -25.89
C TYR A 279 8.92 21.33 -26.86
N ASN A 280 8.76 20.04 -27.17
CA ASN A 280 9.66 19.37 -28.10
C ASN A 280 11.13 19.61 -27.74
N ASP A 281 11.44 19.51 -26.45
CA ASP A 281 12.81 19.60 -25.94
C ASP A 281 13.48 20.96 -26.14
N ILE A 282 12.66 22.00 -26.32
CA ILE A 282 13.13 23.38 -26.45
C ILE A 282 12.55 24.21 -25.31
N PHE A 283 13.42 24.93 -24.62
CA PHE A 283 13.03 25.78 -23.50
C PHE A 283 12.86 27.24 -23.93
N TYR A 284 11.81 27.88 -23.42
CA TYR A 284 11.55 29.31 -23.65
C TYR A 284 11.33 30.02 -22.31
N GLU A 285 12.14 31.03 -22.02
CA GLU A 285 12.05 31.74 -20.74
C GLU A 285 10.74 32.53 -20.54
N THR A 286 10.14 33.02 -21.62
CA THR A 286 8.91 33.83 -21.51
C THR A 286 7.84 33.37 -22.49
N THR A 287 6.60 33.79 -22.23
CA THR A 287 5.48 33.48 -23.10
C THR A 287 5.63 34.16 -24.47
N GLU A 288 6.10 35.40 -24.48
CA GLU A 288 6.35 36.14 -25.73
C GLU A 288 7.29 35.33 -26.64
N GLU A 289 8.37 34.82 -26.07
CA GLU A 289 9.35 34.01 -26.80
C GLU A 289 8.76 32.72 -27.38
N PHE A 290 7.90 32.07 -26.61
CA PHE A 290 7.20 30.86 -27.09
C PHE A 290 6.21 31.19 -28.20
N ARG A 291 5.41 32.23 -27.99
CA ARG A 291 4.40 32.64 -28.97
C ARG A 291 5.03 33.00 -30.32
N LYS A 292 6.13 33.75 -30.29
CA LYS A 292 6.85 34.11 -31.52
C LYS A 292 7.41 32.88 -32.21
N ALA A 293 7.94 31.94 -31.43
CA ALA A 293 8.49 30.71 -31.97
C ALA A 293 7.41 29.83 -32.58
N TYR A 294 6.29 29.67 -31.86
CA TYR A 294 5.20 28.81 -32.32
C TYR A 294 4.73 29.19 -33.71
N TRP A 295 4.32 30.44 -33.87
CA TRP A 295 3.75 30.93 -35.14
C TRP A 295 4.79 31.27 -36.22
N SER A 296 6.08 31.07 -35.94
CA SER A 296 7.11 31.19 -36.98
C SER A 296 6.99 30.08 -38.02
N PRO A 297 7.38 30.35 -39.27
CA PRO A 297 7.41 29.28 -40.26
C PRO A 297 8.45 28.22 -39.88
N GLY A 298 8.12 26.95 -40.13
CA GLY A 298 9.04 25.84 -39.84
C GLY A 298 8.90 25.22 -38.45
N PHE A 299 8.03 25.81 -37.61
CA PHE A 299 7.85 25.32 -36.24
C PHE A 299 7.18 23.95 -36.23
N VAL A 300 7.77 23.02 -35.49
CA VAL A 300 7.29 21.65 -35.43
C VAL A 300 6.14 21.53 -34.44
N LYS A 301 4.96 21.17 -34.95
CA LYS A 301 3.77 20.97 -34.16
C LYS A 301 3.54 19.48 -34.05
N LEU A 302 3.43 18.97 -32.83
CA LEU A 302 3.29 17.53 -32.59
C LEU A 302 1.87 17.16 -32.16
N LYS A 303 1.45 15.95 -32.54
CA LYS A 303 0.06 15.53 -32.40
C LYS A 303 -0.36 15.21 -30.96
N PRO A 304 -1.65 15.42 -30.64
CA PRO A 304 -2.17 15.06 -29.33
C PRO A 304 -2.44 13.56 -29.19
N ASN A 305 -2.57 13.12 -27.95
CA ASN A 305 -3.17 11.84 -27.64
C ASN A 305 -4.66 12.11 -27.39
N VAL A 306 -5.53 11.49 -28.18
CA VAL A 306 -6.96 11.64 -27.99
C VAL A 306 -7.60 10.33 -27.54
N ASP A 307 -8.58 10.44 -26.65
CA ASP A 307 -9.22 9.28 -26.06
C ASP A 307 -9.96 8.45 -27.11
N GLY A 308 -10.00 7.14 -26.86
CA GLY A 308 -10.64 6.18 -27.76
C GLY A 308 -10.64 4.82 -27.12
N ALA A 309 -11.27 3.85 -27.80
CA ALA A 309 -11.40 2.48 -27.27
C ALA A 309 -10.08 1.91 -26.73
N TRP A 310 -8.98 2.25 -27.40
CA TRP A 310 -7.63 1.84 -26.99
C TRP A 310 -7.30 2.15 -25.53
N ALA A 311 -7.85 3.25 -25.01
CA ALA A 311 -7.61 3.68 -23.62
C ALA A 311 -8.72 3.26 -22.65
N HIS A 312 -9.70 2.51 -23.13
CA HIS A 312 -10.85 2.10 -22.31
C HIS A 312 -10.77 0.63 -21.93
N THR A 313 -11.42 0.27 -20.83
CA THR A 313 -11.27 -1.07 -20.23
C THR A 313 -12.31 -2.09 -20.70
N GLU A 314 -13.36 -1.60 -21.38
CA GLU A 314 -14.38 -2.45 -22.01
C GLU A 314 -13.81 -3.60 -22.83
N GLN A 315 -14.60 -4.66 -23.00
CA GLN A 315 -14.20 -5.77 -23.85
C GLN A 315 -13.88 -5.28 -25.26
N ARG A 316 -12.82 -5.78 -25.86
CA ARG A 316 -12.46 -5.42 -27.23
C ARG A 316 -11.64 -6.48 -27.96
N GLY A 317 -11.98 -6.71 -29.23
CA GLY A 317 -11.27 -7.66 -30.07
C GLY A 317 -12.01 -8.97 -30.20
N PRO A 318 -11.37 -9.96 -30.84
CA PRO A 318 -12.04 -11.24 -31.10
C PRO A 318 -12.24 -12.05 -29.82
N VAL A 319 -13.49 -12.41 -29.54
CA VAL A 319 -13.78 -13.30 -28.43
C VAL A 319 -13.24 -14.67 -28.78
N PRO A 320 -12.41 -15.26 -27.90
CA PRO A 320 -11.77 -16.53 -28.26
C PRO A 320 -12.72 -17.73 -28.18
N PRO A 321 -12.31 -18.87 -28.75
CA PRO A 321 -13.12 -20.08 -28.73
C PRO A 321 -13.57 -20.48 -27.32
N GLN A 322 -14.86 -20.75 -27.19
CA GLN A 322 -15.46 -21.28 -25.96
C GLN A 322 -15.47 -20.33 -24.75
N ASP A 323 -15.12 -19.06 -24.94
CA ASP A 323 -14.96 -18.18 -23.78
C ASP A 323 -16.30 -17.75 -23.19
N ARG A 324 -17.38 -17.83 -23.96
CA ARG A 324 -18.71 -17.51 -23.45
C ARG A 324 -19.26 -18.55 -22.48
N LYS A 325 -18.66 -19.74 -22.47
CA LYS A 325 -19.01 -20.74 -21.46
C LYS A 325 -18.46 -20.32 -20.09
N GLN A 326 -19.07 -20.80 -19.03
CA GLN A 326 -18.62 -20.51 -17.66
C GLN A 326 -17.21 -21.07 -17.38
N PRO A 327 -16.29 -20.19 -16.95
CA PRO A 327 -15.02 -20.70 -16.47
C PRO A 327 -15.18 -21.39 -15.12
N PRO A 328 -14.17 -22.17 -14.69
CA PRO A 328 -14.24 -22.79 -13.39
C PRO A 328 -14.52 -21.79 -12.29
N VAL A 329 -15.16 -22.25 -11.23
CA VAL A 329 -15.54 -21.38 -10.13
C VAL A 329 -15.26 -22.10 -8.82
N MET A 330 -14.59 -21.38 -7.91
CA MET A 330 -14.30 -21.89 -6.58
C MET A 330 -15.57 -21.77 -5.75
N ILE A 331 -15.95 -22.86 -5.08
CA ILE A 331 -17.09 -22.85 -4.17
C ILE A 331 -16.68 -23.40 -2.80
N ALA A 332 -17.47 -23.11 -1.76
CA ALA A 332 -17.15 -23.52 -0.40
C ALA A 332 -18.28 -24.38 0.16
N PRO A 333 -18.24 -25.69 -0.13
CA PRO A 333 -19.33 -26.62 0.23
C PRO A 333 -19.74 -26.57 1.69
N ASP A 334 -18.78 -26.43 2.60
CA ASP A 334 -19.09 -26.34 4.03
C ASP A 334 -18.98 -24.91 4.56
N GLY A 335 -18.99 -23.93 3.66
CA GLY A 335 -18.89 -22.54 4.06
C GLY A 335 -17.54 -22.18 4.66
N ALA A 336 -17.54 -21.19 5.55
CA ALA A 336 -16.32 -20.59 6.09
C ALA A 336 -15.74 -21.40 7.24
N ARG A 337 -14.54 -21.94 7.05
CA ARG A 337 -13.86 -22.72 8.10
C ARG A 337 -12.95 -21.88 8.98
N TYR A 338 -13.43 -20.70 9.37
CA TYR A 338 -12.69 -19.81 10.25
C TYR A 338 -13.67 -19.15 11.22
N SER A 339 -13.13 -18.34 12.13
CA SER A 339 -13.93 -17.69 13.18
C SER A 339 -13.64 -16.20 13.22
N VAL A 340 -14.67 -15.42 13.51
CA VAL A 340 -14.56 -13.96 13.48
C VAL A 340 -15.31 -13.33 14.65
N ASP A 341 -14.68 -12.31 15.25
CA ASP A 341 -15.36 -11.37 16.12
C ASP A 341 -15.56 -10.11 15.29
N ALA A 342 -16.80 -9.87 14.87
CA ALA A 342 -17.11 -8.73 14.02
C ALA A 342 -16.96 -7.39 14.74
N GLU A 343 -17.28 -7.37 16.03
CA GLU A 343 -17.21 -6.15 16.83
C GLU A 343 -15.76 -5.79 17.15
N ARG A 344 -14.94 -6.81 17.46
CA ARG A 344 -13.53 -6.59 17.75
C ARG A 344 -12.61 -6.83 16.55
N LYS A 345 -13.18 -7.07 15.36
CA LYS A 345 -12.41 -7.20 14.13
C LYS A 345 -11.25 -8.17 14.31
N TYR A 346 -11.59 -9.37 14.78
CA TYR A 346 -10.61 -10.36 15.19
C TYR A 346 -10.90 -11.64 14.41
N VAL A 347 -9.85 -12.33 13.97
CA VAL A 347 -9.99 -13.49 13.11
C VAL A 347 -9.16 -14.65 13.65
N THR A 348 -9.71 -15.86 13.60
CA THR A 348 -8.91 -17.06 13.80
C THR A 348 -9.14 -18.04 12.65
N TRP A 349 -8.06 -18.63 12.16
CA TRP A 349 -8.10 -19.65 11.12
C TRP A 349 -7.11 -20.76 11.48
N MET A 350 -7.64 -21.94 11.76
CA MET A 350 -6.81 -23.10 12.09
C MET A 350 -5.88 -22.74 13.26
N ASP A 351 -4.56 -22.75 13.04
CA ASP A 351 -3.59 -22.41 14.08
C ASP A 351 -3.25 -20.93 14.18
N PHE A 352 -3.84 -20.10 13.31
CA PHE A 352 -3.52 -18.67 13.24
C PHE A 352 -4.60 -17.81 13.88
N SER A 353 -4.20 -16.66 14.39
CA SER A 353 -5.13 -15.63 14.83
C SER A 353 -4.49 -14.26 14.68
N PHE A 354 -5.33 -13.23 14.53
CA PHE A 354 -4.82 -11.86 14.44
C PHE A 354 -5.94 -10.84 14.57
N TYR A 355 -5.56 -9.60 14.85
CA TYR A 355 -6.51 -8.48 14.88
C TYR A 355 -6.35 -7.64 13.63
N ILE A 356 -7.46 -7.11 13.14
CA ILE A 356 -7.48 -6.21 11.99
C ILE A 356 -7.51 -4.76 12.49
N ALA A 357 -6.67 -3.93 11.88
CA ALA A 357 -6.68 -2.49 12.13
C ALA A 357 -6.76 -1.76 10.80
N PHE A 358 -7.19 -0.50 10.83
CA PHE A 358 -7.39 0.25 9.60
C PHE A 358 -7.33 1.76 9.83
N ASN A 359 -6.48 2.45 9.08
CA ASN A 359 -6.43 3.92 9.15
C ASN A 359 -6.49 4.59 7.78
N ARG A 360 -6.58 5.91 7.81
CA ARG A 360 -6.64 6.75 6.60
C ARG A 360 -5.33 6.69 5.81
N ASP A 361 -4.19 6.71 6.50
CA ASP A 361 -2.90 6.81 5.81
C ASP A 361 -2.54 5.56 5.01
N THR A 362 -2.55 4.41 5.67
CA THR A 362 -2.02 3.18 5.08
C THR A 362 -3.06 2.06 4.95
N GLY A 363 -4.30 2.32 5.31
CA GLY A 363 -5.37 1.35 5.14
C GLY A 363 -5.22 0.19 6.11
N LEU A 364 -5.02 -1.01 5.55
CA LEU A 364 -5.07 -2.24 6.34
C LEU A 364 -3.80 -2.46 7.15
N SER A 365 -3.95 -3.06 8.33
CA SER A 365 -2.83 -3.43 9.17
C SER A 365 -3.24 -4.61 10.04
N LEU A 366 -2.26 -5.45 10.40
CA LEU A 366 -2.52 -6.62 11.27
C LEU A 366 -1.72 -6.49 12.56
N PHE A 367 -2.35 -6.88 13.67
CA PHE A 367 -1.71 -6.84 14.98
C PHE A 367 -1.84 -8.16 15.71
N ASP A 368 -0.88 -8.44 16.58
CA ASP A 368 -0.89 -9.63 17.43
C ASP A 368 -1.16 -10.90 16.62
N ILE A 369 -0.41 -11.07 15.53
CA ILE A 369 -0.50 -12.28 14.73
C ILE A 369 0.13 -13.42 15.53
N LYS A 370 -0.67 -14.41 15.90
CA LYS A 370 -0.17 -15.56 16.68
C LYS A 370 -0.23 -16.85 15.87
N TYR A 371 0.64 -17.80 16.20
CA TYR A 371 0.66 -19.13 15.59
C TYR A 371 0.80 -20.18 16.68
N LYS A 372 -0.10 -21.17 16.68
CA LYS A 372 -0.16 -22.20 17.74
C LYS A 372 -0.12 -21.56 19.13
N GLY A 373 -0.93 -20.52 19.31
CA GLY A 373 -1.07 -19.85 20.59
C GLY A 373 0.08 -18.93 20.99
N GLN A 374 1.06 -18.79 20.11
CA GLN A 374 2.27 -18.01 20.40
C GLN A 374 2.44 -16.88 19.37
N ARG A 375 2.76 -15.68 19.84
CA ARG A 375 2.92 -14.53 18.96
C ARG A 375 4.18 -14.68 18.10
N VAL A 376 4.05 -14.35 16.81
CA VAL A 376 5.22 -14.27 15.91
C VAL A 376 5.42 -12.85 15.40
N LEU A 377 4.34 -12.08 15.26
CA LEU A 377 4.40 -10.68 14.85
C LEU A 377 3.44 -9.82 15.67
N TYR A 378 3.97 -8.81 16.35
CA TYR A 378 3.14 -7.85 17.06
C TYR A 378 2.37 -6.98 16.07
N GLU A 379 3.01 -6.66 14.94
CA GLU A 379 2.46 -5.74 13.96
C GLU A 379 3.00 -6.03 12.56
N LEU A 380 2.10 -6.04 11.57
CA LEU A 380 2.45 -6.18 10.15
C LEU A 380 1.55 -5.23 9.37
N GLY A 381 2.12 -4.36 8.56
CA GLY A 381 1.29 -3.40 7.83
C GLY A 381 2.00 -2.50 6.84
N LEU A 382 1.28 -2.08 5.81
CA LEU A 382 1.79 -1.12 4.84
C LEU A 382 2.20 0.18 5.55
N GLN A 383 3.32 0.74 5.14
CA GLN A 383 3.85 1.95 5.74
C GLN A 383 3.82 3.14 4.79
N GLU A 384 4.16 2.89 3.52
CA GLU A 384 4.08 3.91 2.48
C GLU A 384 4.27 3.25 1.10
N ALA A 385 3.79 3.90 0.06
CA ALA A 385 4.01 3.45 -1.32
C ALA A 385 4.68 4.56 -2.12
N LEU A 386 5.77 4.23 -2.79
CA LEU A 386 6.47 5.19 -3.63
C LEU A 386 6.21 4.87 -5.10
N ALA A 387 5.94 5.92 -5.88
CA ALA A 387 5.89 5.83 -7.33
C ALA A 387 6.84 6.87 -7.90
N HIS A 388 8.09 6.45 -8.11
CA HIS A 388 9.16 7.34 -8.54
C HIS A 388 9.34 7.23 -10.05
N TYR A 389 9.10 8.33 -10.76
CA TYR A 389 9.20 8.36 -12.22
C TYR A 389 10.51 8.97 -12.71
N ALA A 390 10.72 8.90 -14.02
CA ALA A 390 11.85 9.52 -14.70
C ALA A 390 11.45 9.77 -16.13
N ALA A 391 12.00 10.81 -16.74
CA ALA A 391 11.67 11.16 -18.13
C ALA A 391 12.57 12.28 -18.63
N ASN A 392 12.50 12.53 -19.94
CA ASN A 392 13.19 13.66 -20.53
C ASN A 392 12.36 14.95 -20.44
N ASP A 393 11.17 14.87 -19.84
CA ASP A 393 10.35 16.05 -19.60
C ASP A 393 10.30 16.34 -18.10
N PRO A 394 10.04 17.60 -17.70
CA PRO A 394 10.17 17.99 -16.30
C PRO A 394 9.05 17.50 -15.37
N VAL A 395 7.85 17.29 -15.91
CA VAL A 395 6.74 16.83 -15.10
C VAL A 395 6.98 15.38 -14.68
N GLN A 396 7.14 14.50 -15.66
CA GLN A 396 7.38 13.08 -15.38
C GLN A 396 8.71 12.85 -14.69
N SER A 397 9.72 13.66 -15.00
CA SER A 397 11.00 13.58 -14.32
C SER A 397 10.87 13.85 -12.81
N SER A 398 9.93 14.71 -12.45
CA SER A 398 9.81 15.20 -11.08
C SER A 398 8.83 14.42 -10.22
N VAL A 399 8.00 13.56 -10.82
CA VAL A 399 6.99 12.83 -10.03
C VAL A 399 7.65 11.78 -9.13
N ALA A 400 7.36 11.88 -7.85
CA ALA A 400 7.74 10.87 -6.87
C ALA A 400 6.62 10.78 -5.83
N TYR A 401 5.53 10.11 -6.22
CA TYR A 401 4.36 9.98 -5.37
C TYR A 401 4.67 9.23 -4.08
N LEU A 402 4.17 9.78 -2.97
CA LEU A 402 4.16 9.10 -1.70
C LEU A 402 2.69 9.02 -1.31
N ASP A 403 2.11 7.84 -1.49
CA ASP A 403 0.64 7.70 -1.54
C ASP A 403 -0.13 7.93 -0.24
N SER A 404 0.54 7.85 0.91
CA SER A 404 -0.17 8.06 2.17
C SER A 404 -0.60 9.52 2.34
N TYR A 405 -0.02 10.42 1.55
CA TYR A 405 -0.50 11.80 1.45
C TYR A 405 -1.97 11.80 1.01
N TYR A 406 -2.28 11.01 -0.01
CA TYR A 406 -3.65 10.89 -0.50
C TYR A 406 -4.41 9.95 0.42
N GLY A 407 -3.70 8.93 0.91
CA GLY A 407 -4.25 7.93 1.84
C GLY A 407 -4.75 6.69 1.12
N PHE A 408 -4.42 5.52 1.65
CA PHE A 408 -4.98 4.25 1.17
C PHE A 408 -6.41 4.01 1.66
N GLY A 409 -6.69 4.40 2.90
CA GLY A 409 -8.00 4.20 3.53
C GLY A 409 -9.20 4.85 2.85
N PRO A 410 -9.05 6.07 2.33
CA PRO A 410 -10.16 6.73 1.64
C PRO A 410 -10.57 6.07 0.32
N TYR A 411 -9.62 5.39 -0.31
CA TYR A 411 -9.86 4.78 -1.62
C TYR A 411 -9.86 3.25 -1.56
N ALA A 412 -10.15 2.71 -0.38
CA ALA A 412 -10.34 1.28 -0.22
C ALA A 412 -11.81 0.94 -0.50
N PHE A 413 -12.22 1.12 -1.76
CA PHE A 413 -13.62 1.01 -2.17
C PHE A 413 -14.18 -0.41 -2.02
N GLU A 414 -15.50 -0.53 -2.13
CA GLU A 414 -16.17 -1.82 -2.07
C GLU A 414 -15.65 -2.72 -3.20
N LEU A 415 -15.43 -3.99 -2.89
CA LEU A 415 -14.93 -4.97 -3.86
C LEU A 415 -16.06 -5.53 -4.71
N LEU A 416 -15.77 -5.91 -5.94
CA LEU A 416 -16.74 -6.63 -6.76
C LEU A 416 -16.70 -8.09 -6.35
N LYS A 417 -17.80 -8.55 -5.78
CA LYS A 417 -17.88 -9.92 -5.26
C LYS A 417 -17.81 -10.92 -6.41
N GLY A 418 -17.06 -11.99 -6.20
CA GLY A 418 -16.84 -13.00 -7.23
C GLY A 418 -15.72 -12.68 -8.20
N TYR A 419 -15.22 -11.43 -8.19
CA TYR A 419 -14.17 -11.00 -9.09
C TYR A 419 -12.91 -10.60 -8.33
N ASP A 420 -13.02 -9.62 -7.45
CA ASP A 420 -11.92 -9.21 -6.59
C ASP A 420 -11.56 -10.31 -5.59
N CYS A 421 -12.57 -11.01 -5.08
CA CYS A 421 -12.38 -12.19 -4.23
C CYS A 421 -13.41 -13.25 -4.66
N PRO A 422 -13.23 -14.50 -4.20
CA PRO A 422 -14.26 -15.51 -4.44
C PRO A 422 -15.63 -15.11 -3.88
N SER A 423 -16.68 -15.65 -4.49
CA SER A 423 -18.06 -15.33 -4.16
C SER A 423 -18.47 -15.69 -2.72
N TYR A 424 -17.88 -16.75 -2.18
CA TYR A 424 -18.19 -17.24 -0.83
C TYR A 424 -17.39 -16.55 0.29
N ALA A 425 -16.50 -15.63 -0.09
CA ALA A 425 -15.72 -14.88 0.89
C ALA A 425 -16.63 -14.11 1.85
N SER A 426 -16.23 -13.99 3.12
CA SER A 426 -16.89 -13.07 4.03
C SER A 426 -16.25 -11.69 3.83
N TYR A 427 -17.06 -10.66 3.97
CA TYR A 427 -16.66 -9.30 3.63
C TYR A 427 -16.88 -8.40 4.82
N LEU A 428 -15.83 -7.74 5.29
CA LEU A 428 -15.93 -6.76 6.36
C LEU A 428 -16.00 -5.35 5.78
N ASN A 429 -16.43 -4.41 6.62
CA ASN A 429 -16.42 -2.99 6.28
C ASN A 429 -15.10 -2.34 6.71
N THR A 430 -14.84 -1.18 6.12
CA THR A 430 -13.84 -0.25 6.62
C THR A 430 -14.42 1.15 6.48
N SER A 431 -14.01 2.05 7.35
CA SER A 431 -14.43 3.45 7.25
C SER A 431 -13.26 4.39 7.39
N PHE A 432 -13.49 5.65 7.01
CA PHE A 432 -12.51 6.71 7.25
C PHE A 432 -13.19 8.05 7.51
N TYR A 433 -12.49 8.92 8.20
CA TYR A 433 -13.01 10.24 8.52
C TYR A 433 -12.52 11.22 7.48
N LYS A 434 -13.43 12.02 6.94
CA LYS A 434 -13.06 13.24 6.22
C LYS A 434 -14.22 14.23 6.19
N ASP A 435 -13.89 15.51 6.26
CA ASP A 435 -14.88 16.59 6.11
C ASP A 435 -16.03 16.47 7.12
N GLU A 436 -15.67 16.26 8.39
CA GLU A 436 -16.65 16.07 9.47
C GLU A 436 -17.68 14.98 9.15
N GLU A 437 -17.22 13.94 8.46
CA GLU A 437 -18.07 12.85 8.01
C GLU A 437 -17.36 11.53 8.22
N THR A 438 -18.12 10.47 8.52
CA THR A 438 -17.59 9.12 8.48
C THR A 438 -18.08 8.46 7.21
N HIS A 439 -17.13 8.09 6.37
CA HIS A 439 -17.40 7.41 5.13
C HIS A 439 -17.15 5.94 5.40
N THR A 440 -18.15 5.10 5.12
CA THR A 440 -18.01 3.65 5.25
C THR A 440 -17.95 3.04 3.86
N HIS A 441 -16.90 2.27 3.60
CA HIS A 441 -16.78 1.47 2.40
C HIS A 441 -17.31 0.08 2.72
N VAL A 442 -18.50 -0.21 2.23
CA VAL A 442 -19.16 -1.47 2.52
C VAL A 442 -18.43 -2.60 1.82
N ASP A 443 -18.15 -3.69 2.54
CA ASP A 443 -17.55 -4.86 1.95
C ASP A 443 -16.31 -4.50 1.14
N SER A 444 -15.36 -3.88 1.83
CA SER A 444 -14.09 -3.48 1.24
C SER A 444 -12.93 -4.38 1.66
N LEU A 445 -13.06 -5.08 2.79
CA LEU A 445 -12.14 -6.18 3.12
C LEU A 445 -12.82 -7.48 2.74
N CYS A 446 -12.02 -8.48 2.35
CA CYS A 446 -12.56 -9.82 2.18
C CYS A 446 -11.67 -10.86 2.86
N LEU A 447 -12.31 -11.96 3.26
CA LEU A 447 -11.66 -13.05 3.95
C LEU A 447 -12.10 -14.31 3.26
N PHE A 448 -11.18 -15.21 2.96
CA PHE A 448 -11.55 -16.47 2.34
C PHE A 448 -10.48 -17.53 2.38
N GLU A 449 -10.94 -18.78 2.47
CA GLU A 449 -10.08 -19.92 2.18
C GLU A 449 -9.99 -20.13 0.66
N PHE A 450 -8.90 -20.72 0.22
CA PHE A 450 -8.71 -21.01 -1.19
C PHE A 450 -7.88 -22.26 -1.34
N ASP A 451 -8.40 -23.23 -2.09
CA ASP A 451 -7.68 -24.47 -2.38
C ASP A 451 -6.74 -24.21 -3.55
N ALA A 452 -5.45 -24.12 -3.25
CA ALA A 452 -4.43 -23.80 -4.26
C ALA A 452 -4.47 -24.79 -5.40
N ASP A 453 -4.11 -24.35 -6.60
CA ASP A 453 -4.10 -25.22 -7.77
C ASP A 453 -3.01 -26.32 -7.70
N TYR A 454 -2.16 -26.27 -6.68
CA TYR A 454 -1.13 -27.29 -6.45
C TYR A 454 -1.22 -27.77 -5.00
N PRO A 455 -0.88 -29.04 -4.75
CA PRO A 455 -0.96 -29.59 -3.40
C PRO A 455 0.15 -29.05 -2.50
N MET A 456 -0.02 -29.20 -1.18
CA MET A 456 0.98 -28.79 -0.21
C MET A 456 2.22 -29.69 -0.27
N ALA A 457 1.99 -30.99 -0.32
CA ALA A 457 3.07 -31.97 -0.28
C ALA A 457 2.62 -33.29 -0.90
N ARG A 458 3.60 -34.10 -1.32
CA ARG A 458 3.31 -35.41 -1.88
C ARG A 458 4.52 -36.28 -1.82
N HIS A 459 4.29 -37.59 -1.96
CA HIS A 459 5.36 -38.52 -2.30
C HIS A 459 4.83 -39.84 -2.85
N SER A 460 5.38 -40.27 -3.98
CA SER A 460 4.96 -41.51 -4.63
C SER A 460 6.03 -42.61 -4.53
N THR A 461 5.58 -43.85 -4.57
CA THR A 461 6.47 -45.02 -4.71
C THR A 461 5.80 -46.01 -5.66
N SER A 462 6.47 -47.13 -5.92
CA SER A 462 5.90 -48.20 -6.74
C SER A 462 4.72 -48.91 -6.05
N GLU A 463 4.52 -48.64 -4.77
CA GLU A 463 3.51 -49.34 -3.94
C GLU A 463 2.42 -48.44 -3.34
N PHE A 464 2.71 -47.15 -3.17
CA PHE A 464 1.72 -46.21 -2.65
C PHE A 464 1.98 -44.77 -3.04
N VAL A 465 0.94 -43.96 -2.97
CA VAL A 465 1.06 -42.52 -3.20
C VAL A 465 0.35 -41.77 -2.10
N SER A 466 0.90 -40.63 -1.70
CA SER A 466 0.24 -39.80 -0.71
C SER A 466 0.33 -38.33 -1.12
N VAL A 467 -0.70 -37.57 -0.76
CA VAL A 467 -0.77 -36.14 -1.07
C VAL A 467 -1.52 -35.35 0.00
N THR A 468 -1.08 -34.12 0.25
CA THR A 468 -1.75 -33.19 1.16
C THR A 468 -2.21 -31.98 0.36
N LYS A 469 -3.45 -31.55 0.56
CA LYS A 469 -3.97 -30.39 -0.13
C LYS A 469 -3.35 -29.11 0.42
N ASN A 470 -3.29 -28.08 -0.41
CA ASN A 470 -2.81 -26.77 0.00
C ASN A 470 -3.99 -25.80 0.13
N VAL A 471 -4.64 -25.86 1.30
CA VAL A 471 -5.73 -24.95 1.61
C VAL A 471 -5.20 -23.81 2.48
N TYR A 472 -5.35 -22.58 2.01
CA TYR A 472 -4.80 -21.41 2.70
C TYR A 472 -5.83 -20.30 2.89
N PHE A 473 -5.55 -19.40 3.83
CA PHE A 473 -6.45 -18.29 4.18
C PHE A 473 -5.89 -16.95 3.71
N THR A 474 -6.76 -16.09 3.19
CA THR A 474 -6.37 -14.78 2.63
C THR A 474 -7.21 -13.64 3.22
N LEU A 475 -6.54 -12.57 3.60
CA LEU A 475 -7.20 -11.31 3.97
C LEU A 475 -6.79 -10.31 2.92
N ARG A 476 -7.77 -9.66 2.29
CA ARG A 476 -7.45 -8.77 1.17
C ARG A 476 -8.14 -7.42 1.20
N SER A 477 -7.40 -6.41 0.72
CA SER A 477 -7.91 -5.07 0.52
C SER A 477 -7.42 -4.59 -0.83
N VAL A 478 -8.18 -3.66 -1.42
CA VAL A 478 -7.78 -3.02 -2.66
C VAL A 478 -8.02 -1.54 -2.55
N SER A 479 -6.96 -0.75 -2.67
CA SER A 479 -7.06 0.71 -2.72
C SER A 479 -6.82 1.19 -4.14
N THR A 480 -7.67 2.10 -4.60
CA THR A 480 -7.51 2.69 -5.93
C THR A 480 -7.30 4.19 -5.78
N ILE A 481 -6.04 4.59 -5.71
CA ILE A 481 -5.67 6.01 -5.57
C ILE A 481 -5.54 6.60 -6.95
N GLY A 482 -6.52 7.40 -7.34
CA GLY A 482 -6.55 7.98 -8.69
C GLY A 482 -6.47 6.87 -9.72
N ASN A 483 -5.35 6.80 -10.42
CA ASN A 483 -5.18 5.86 -11.52
C ASN A 483 -4.65 4.47 -11.13
N ASP A 485 -4.43 0.90 -9.09
CA ASP A 485 -5.16 -0.07 -8.28
C ASP A 485 -4.17 -1.02 -7.65
N TYR A 486 -3.96 -0.85 -6.34
CA TYR A 486 -3.12 -1.74 -5.57
C TYR A 486 -3.99 -2.77 -4.89
N MET A 487 -3.72 -4.05 -5.13
CA MET A 487 -4.43 -5.13 -4.44
C MET A 487 -3.48 -5.78 -3.45
N PHE A 488 -3.78 -5.63 -2.16
CA PHE A 488 -2.95 -6.19 -1.10
C PHE A 488 -3.57 -7.47 -0.58
N SER A 489 -2.73 -8.48 -0.33
CA SER A 489 -3.22 -9.76 0.18
C SER A 489 -2.31 -10.30 1.28
N TYR A 490 -2.90 -10.76 2.38
CA TYR A 490 -2.18 -11.43 3.45
C TYR A 490 -2.56 -12.89 3.46
N ASN A 491 -1.59 -13.76 3.21
CA ASN A 491 -1.83 -15.20 3.09
C ASN A 491 -1.38 -15.93 4.34
N PHE A 492 -2.11 -16.99 4.71
CA PHE A 492 -1.69 -17.87 5.79
C PHE A 492 -1.84 -19.31 5.34
N HIS A 493 -0.81 -20.12 5.54
CA HIS A 493 -0.78 -21.49 5.04
C HIS A 493 -0.62 -22.54 6.13
N MET A 494 -0.97 -23.77 5.81
CA MET A 494 -0.96 -24.86 6.79
C MET A 494 0.45 -25.33 7.18
N ASP A 495 1.48 -24.87 6.46
CA ASP A 495 2.88 -25.09 6.86
C ASP A 495 3.41 -23.98 7.78
N GLY A 496 2.56 -23.00 8.11
CA GLY A 496 2.95 -21.91 8.98
C GLY A 496 3.45 -20.68 8.24
N THR A 497 3.40 -20.71 6.91
CA THR A 497 3.94 -19.63 6.11
C THR A 497 2.96 -18.46 6.01
N ILE A 498 3.43 -17.27 6.34
CA ILE A 498 2.67 -16.03 6.21
C ILE A 498 3.18 -15.34 4.97
N GLY A 499 2.27 -14.87 4.12
CA GLY A 499 2.65 -14.19 2.89
C GLY A 499 2.11 -12.78 2.83
N VAL A 500 2.94 -11.84 2.35
CA VAL A 500 2.49 -10.48 2.09
C VAL A 500 2.73 -10.18 0.61
N GLU A 501 1.66 -9.86 -0.12
CA GLU A 501 1.74 -9.61 -1.55
C GLU A 501 1.10 -8.29 -1.95
N VAL A 502 1.60 -7.74 -3.05
CA VAL A 502 0.91 -6.67 -3.76
C VAL A 502 0.91 -6.96 -5.24
N ARG A 503 -0.21 -6.66 -5.89
CA ARG A 503 -0.25 -6.60 -7.34
C ARG A 503 -0.79 -5.25 -7.77
N ALA A 504 -0.43 -4.83 -8.98
CA ALA A 504 -0.83 -3.54 -9.52
C ALA A 504 -1.62 -3.71 -10.80
N SER A 505 -2.62 -2.85 -10.97
CA SER A 505 -3.36 -2.73 -12.21
C SER A 505 -3.82 -1.29 -12.34
N GLY A 506 -4.84 -1.03 -13.14
CA GLY A 506 -5.33 0.33 -13.37
C GLY A 506 -4.55 1.02 -14.47
N TYR A 507 -4.67 2.35 -14.50
CA TYR A 507 -4.07 3.17 -15.56
C TYR A 507 -2.67 3.59 -15.20
N ILE A 508 -1.77 3.54 -16.17
CA ILE A 508 -0.44 4.05 -15.97
C ILE A 508 -0.49 5.57 -16.06
N GLN A 509 0.45 6.26 -15.40
CA GLN A 509 0.62 7.68 -15.61
C GLN A 509 1.59 7.83 -16.76
N SER A 510 1.04 8.26 -17.90
CA SER A 510 1.72 8.25 -19.18
C SER A 510 2.72 9.38 -19.30
N ALA A 511 3.45 9.41 -20.41
CA ALA A 511 4.36 10.50 -20.74
C ALA A 511 4.25 10.80 -22.22
N TYR A 512 4.40 12.08 -22.59
CA TYR A 512 4.36 12.48 -24.00
C TYR A 512 5.56 11.88 -24.72
N TYR A 513 5.35 11.43 -25.96
CA TYR A 513 6.37 10.66 -26.68
C TYR A 513 7.60 11.47 -27.03
N ALA A 514 7.40 12.76 -27.31
CA ALA A 514 8.40 13.58 -27.97
C ALA A 514 9.72 13.59 -27.19
N ASN A 515 10.76 13.06 -27.83
CA ASN A 515 12.13 13.13 -27.31
C ASN A 515 12.34 12.36 -26.00
N ASN A 516 11.47 11.39 -25.71
CA ASN A 516 11.55 10.62 -24.46
C ASN A 516 12.14 9.21 -24.68
N GLN A 517 13.00 9.08 -25.68
CA GLN A 517 13.52 7.78 -26.09
C GLN A 517 14.31 7.05 -25.01
N ASP A 518 14.96 7.81 -24.13
CA ASP A 518 15.85 7.25 -23.11
C ASP A 518 15.13 6.86 -21.82
N PHE A 519 13.81 7.08 -21.78
CA PHE A 519 13.04 6.91 -20.56
C PHE A 519 11.75 6.12 -20.79
N GLY A 520 11.74 5.25 -21.79
CA GLY A 520 10.59 4.38 -22.05
C GLY A 520 10.43 3.98 -23.50
N TYR A 521 9.29 3.35 -23.79
CA TYR A 521 8.91 2.98 -25.14
C TYR A 521 7.80 3.89 -25.64
N GLN A 522 7.76 4.11 -26.94
CA GLN A 522 6.57 4.65 -27.57
C GLN A 522 5.56 3.50 -27.71
N ILE A 523 4.40 3.65 -27.08
CA ILE A 523 3.38 2.59 -27.09
C ILE A 523 2.07 2.98 -27.78
N HIS A 524 1.94 4.23 -28.20
CA HIS A 524 0.78 4.69 -28.98
C HIS A 524 1.11 5.93 -29.82
N ASP A 525 0.19 6.32 -30.70
CA ASP A 525 0.41 7.37 -31.71
C ASP A 525 1.32 8.52 -31.21
N SER A 526 1.04 9.02 -30.01
CA SER A 526 1.88 10.07 -29.41
C SER A 526 2.12 9.81 -27.93
N LEU A 527 2.27 8.54 -27.58
CA LEU A 527 2.29 8.10 -26.19
C LEU A 527 3.57 7.35 -25.83
N SER A 528 4.19 7.74 -24.73
CA SER A 528 5.26 6.97 -24.12
C SER A 528 4.74 6.27 -22.88
N GLY A 529 5.12 5.01 -22.72
CA GLY A 529 4.76 4.25 -21.54
C GLY A 529 5.43 4.80 -20.31
N SER A 530 6.58 5.47 -20.49
CA SER A 530 7.34 6.12 -19.42
C SER A 530 8.07 5.05 -18.61
N MET A 531 8.48 5.40 -17.38
CA MET A 531 9.10 4.45 -16.48
C MET A 531 8.93 4.88 -15.04
N HIS A 532 8.81 3.92 -14.13
CA HIS A 532 8.71 4.24 -12.72
C HIS A 532 9.02 3.03 -11.84
N ASP A 533 9.50 3.30 -10.63
CA ASP A 533 9.70 2.27 -9.62
C ASP A 533 8.54 2.30 -8.62
N HIS A 534 7.93 1.15 -8.41
CA HIS A 534 7.01 0.97 -7.30
C HIS A 534 7.83 0.44 -6.15
N VAL A 535 7.77 1.13 -5.01
CA VAL A 535 8.39 0.61 -3.80
C VAL A 535 7.38 0.80 -2.69
N LEU A 536 6.99 -0.30 -2.05
CA LEU A 536 6.00 -0.25 -0.97
C LEU A 536 6.63 -0.83 0.28
N ASN A 537 6.67 -0.03 1.35
CA ASN A 537 7.36 -0.41 2.59
C ASN A 537 6.39 -1.04 3.57
N PHE A 538 6.81 -2.15 4.18
CA PHE A 538 6.00 -2.87 5.16
C PHE A 538 6.75 -3.01 6.47
N LYS A 539 6.05 -2.77 7.58
CA LYS A 539 6.62 -2.97 8.91
C LYS A 539 6.29 -4.38 9.41
N ALA A 540 7.33 -5.15 9.73
CA ALA A 540 7.19 -6.51 10.25
C ALA A 540 7.84 -6.61 11.63
N ASP A 541 7.06 -6.39 12.67
CA ASP A 541 7.57 -6.43 14.04
C ASP A 541 7.53 -7.85 14.58
N PHE A 542 8.44 -8.70 14.11
CA PHE A 542 8.55 -10.06 14.62
C PHE A 542 8.96 -10.04 16.08
N ASP A 543 8.22 -10.76 16.92
CA ASP A 543 8.64 -11.00 18.31
C ASP A 543 8.71 -12.51 18.50
N ILE A 544 9.76 -13.12 17.94
CA ILE A 544 9.85 -14.58 17.91
C ILE A 544 10.08 -15.14 19.32
N LEU A 545 9.07 -15.84 19.83
CA LEU A 545 9.12 -16.43 21.17
C LEU A 545 9.52 -15.36 22.20
N GLY A 546 8.97 -14.16 22.05
CA GLY A 546 9.31 -13.03 22.90
C GLY A 546 9.95 -11.91 22.10
N PRO A 547 10.10 -10.72 22.71
CA PRO A 547 10.63 -9.56 21.99
C PRO A 547 12.13 -9.65 21.70
N ASN A 548 12.90 -10.31 22.57
CA ASN A 548 14.37 -10.37 22.39
C ASN A 548 14.80 -11.29 21.24
N ASN A 549 15.03 -10.70 20.06
CA ASN A 549 15.42 -11.45 18.84
C ASN A 549 16.76 -11.01 18.23
N THR A 550 17.24 -11.80 17.26
CA THR A 550 18.43 -11.47 16.47
C THR A 550 18.23 -11.84 15.01
N ILE A 551 18.79 -11.05 14.10
CA ILE A 551 18.78 -11.39 12.67
C ILE A 551 20.01 -12.24 12.37
N GLU A 552 19.80 -13.42 11.77
CA GLU A 552 20.90 -14.27 11.35
C GLU A 552 20.87 -14.36 9.84
N LEU A 553 22.04 -14.20 9.23
CA LEU A 553 22.21 -14.39 7.79
C LEU A 553 22.86 -15.75 7.60
N VAL A 554 22.15 -16.62 6.88
CA VAL A 554 22.67 -17.92 6.56
C VAL A 554 22.85 -17.94 5.07
N SER A 555 24.10 -18.11 4.65
CA SER A 555 24.48 -17.93 3.28
C SER A 555 25.03 -19.23 2.72
N VAL A 556 24.76 -19.48 1.44
CA VAL A 556 25.34 -20.63 0.75
C VAL A 556 26.41 -20.07 -0.16
N VAL A 557 27.67 -20.44 0.09
CA VAL A 557 28.82 -19.84 -0.60
C VAL A 557 29.84 -20.89 -1.04
N PRO A 558 30.54 -20.63 -2.16
CA PRO A 558 31.53 -21.59 -2.67
C PRO A 558 32.82 -21.60 -1.88
N VAL A 559 33.43 -22.78 -1.80
CA VAL A 559 34.72 -22.96 -1.12
C VAL A 559 35.47 -24.09 -1.79
N THR A 560 36.79 -23.95 -1.83
CA THR A 560 37.69 -25.09 -2.04
C THR A 560 38.18 -25.51 -0.67
N LYS A 561 38.00 -26.78 -0.35
CA LYS A 561 38.10 -27.26 1.01
C LYS A 561 38.92 -28.55 1.07
N GLN A 562 39.67 -28.70 2.14
CA GLN A 562 40.34 -29.95 2.45
C GLN A 562 39.55 -30.65 3.57
N PHE A 563 39.62 -31.97 3.59
CA PHE A 563 38.87 -32.78 4.56
C PHE A 563 39.76 -33.87 5.16
N SER A 564 39.32 -34.42 6.29
CA SER A 564 40.02 -35.52 6.95
C SER A 564 40.09 -36.79 6.10
N TRP A 565 39.20 -36.89 5.12
CA TRP A 565 39.09 -38.04 4.22
C TRP A 565 39.58 -37.72 2.82
N SER A 566 40.17 -36.54 2.66
CA SER A 566 40.53 -35.98 1.36
C SER A 566 41.94 -36.39 0.90
N GLY A 567 42.83 -36.65 1.87
CA GLY A 567 44.16 -37.15 1.58
C GLY A 567 45.06 -36.12 0.91
N ASN A 568 45.09 -34.92 1.47
CA ASN A 568 45.90 -33.82 0.92
C ASN A 568 45.35 -33.28 -0.41
N LYS A 569 44.18 -33.77 -0.82
CA LYS A 569 43.48 -33.23 -1.99
C LYS A 569 42.42 -32.23 -1.51
N THR A 570 42.05 -31.29 -2.38
CA THR A 570 40.94 -30.37 -2.09
C THR A 570 39.82 -30.56 -3.11
N ARG A 571 38.62 -30.15 -2.72
CA ARG A 571 37.47 -30.26 -3.58
C ARG A 571 36.72 -28.94 -3.68
N ASN A 572 36.28 -28.62 -4.88
CA ASN A 572 35.49 -27.43 -5.12
C ASN A 572 34.03 -27.75 -4.79
N THR A 573 33.55 -27.16 -3.71
CA THR A 573 32.28 -27.51 -3.11
C THR A 573 31.58 -26.22 -2.66
N MET A 574 30.78 -26.29 -1.61
CA MET A 574 30.13 -25.11 -1.04
C MET A 574 29.88 -25.35 0.44
N GLN A 575 29.43 -24.31 1.13
CA GLN A 575 29.42 -24.28 2.58
C GLN A 575 28.36 -23.30 3.07
N LEU A 576 27.94 -23.45 4.32
CA LEU A 576 27.09 -22.45 4.97
C LEU A 576 27.98 -21.39 5.57
N GLY A 577 27.61 -20.13 5.39
CA GLY A 577 28.27 -19.02 6.07
C GLY A 577 27.30 -18.34 7.01
N ARG A 578 27.57 -18.41 8.32
CA ARG A 578 26.66 -17.85 9.31
C ARG A 578 27.21 -16.62 10.02
N SER A 579 26.34 -15.63 10.19
CA SER A 579 26.69 -14.41 10.92
C SER A 579 25.42 -13.78 11.47
N PHE A 580 25.54 -13.14 12.63
CA PHE A 580 24.44 -12.38 13.20
C PHE A 580 24.66 -10.90 12.93
N ILE A 581 23.59 -10.17 12.61
CA ILE A 581 23.67 -8.72 12.53
C ILE A 581 23.80 -8.20 13.97
N HIS A 582 24.88 -7.49 14.25
CA HIS A 582 25.18 -7.06 15.62
C HIS A 582 24.58 -5.71 15.96
N SER A 583 24.44 -4.86 14.95
CA SER A 583 24.14 -3.45 15.18
C SER A 583 23.41 -2.84 13.99
N GLU A 584 22.73 -1.71 14.25
CA GLU A 584 22.08 -0.95 13.21
C GLU A 584 23.03 -0.37 12.15
N ASP A 585 24.33 -0.37 12.44
CA ASP A 585 25.32 0.11 11.48
C ASP A 585 25.40 -0.80 10.25
N GLU A 586 25.09 -2.08 10.45
CA GLU A 586 25.19 -3.09 9.39
C GLU A 586 23.82 -3.74 9.09
N ALA A 587 22.76 -2.98 9.30
CA ALA A 587 21.39 -3.52 9.25
C ALA A 587 20.58 -3.05 8.04
N ARG A 588 21.24 -2.49 7.03
CA ARG A 588 20.55 -2.07 5.80
C ARG A 588 21.15 -2.84 4.63
N LEU A 589 20.41 -3.83 4.14
CA LEU A 589 20.96 -4.77 3.19
C LEU A 589 20.00 -5.10 2.04
N ASN A 590 20.54 -5.76 1.03
CA ASN A 590 19.78 -6.17 -0.13
C ASN A 590 19.88 -7.68 -0.33
N TRP A 591 18.90 -8.24 -1.03
CA TRP A 591 18.89 -9.67 -1.29
C TRP A 591 20.11 -10.00 -2.13
N GLY A 592 20.78 -11.09 -1.80
CA GLY A 592 22.09 -11.40 -2.38
C GLY A 592 22.12 -11.73 -3.85
N PHE A 593 23.33 -11.86 -4.38
CA PHE A 593 23.56 -12.40 -5.72
C PHE A 593 23.15 -13.87 -5.73
N ASN A 594 22.39 -14.29 -6.74
CA ASN A 594 21.98 -15.68 -6.89
C ASN A 594 21.18 -16.22 -5.70
N GLY A 595 20.44 -15.34 -5.03
CA GLY A 595 19.68 -15.71 -3.83
C GLY A 595 20.46 -16.53 -2.80
N GLN A 596 21.76 -16.23 -2.67
CA GLN A 596 22.68 -17.07 -1.90
C GLN A 596 22.60 -16.88 -0.39
N THR A 597 22.02 -15.76 0.05
CA THR A 597 21.94 -15.45 1.48
C THR A 597 20.49 -15.50 1.96
N GLN A 598 20.23 -16.37 2.94
CA GLN A 598 18.93 -16.44 3.58
C GLN A 598 18.94 -15.52 4.81
N LEU A 599 17.81 -14.87 5.06
CA LEU A 599 17.67 -13.94 6.17
C LEU A 599 16.66 -14.50 7.18
N HIS A 600 17.11 -14.68 8.43
CA HIS A 600 16.30 -15.30 9.48
C HIS A 600 16.10 -14.35 10.66
N VAL A 601 14.89 -14.30 11.20
CA VAL A 601 14.63 -13.56 12.42
C VAL A 601 14.51 -14.59 13.53
N VAL A 602 15.50 -14.65 14.41
CA VAL A 602 15.59 -15.74 15.39
C VAL A 602 15.66 -15.25 16.83
N ASN A 603 15.49 -16.18 17.76
CA ASN A 603 15.69 -15.89 19.18
C ASN A 603 16.78 -16.81 19.70
N GLN A 604 17.97 -16.23 19.93
CA GLN A 604 19.13 -17.00 20.36
C GLN A 604 18.96 -17.58 21.76
N ASP A 605 18.08 -17.00 22.57
CA ASP A 605 17.85 -17.46 23.94
C ASP A 605 16.81 -18.59 24.01
N LYS A 606 16.21 -18.93 22.87
CA LYS A 606 15.25 -20.03 22.81
C LYS A 606 15.62 -21.01 21.68
N PRO A 607 16.76 -21.70 21.82
CA PRO A 607 17.15 -22.68 20.81
C PRO A 607 16.35 -23.96 20.97
N ASN A 608 16.27 -24.75 19.90
CA ASN A 608 15.62 -26.05 19.97
C ASN A 608 16.53 -27.06 20.67
N LYS A 609 16.08 -28.29 20.81
CA LYS A 609 16.87 -29.33 21.49
C LYS A 609 18.19 -29.68 20.79
N PHE A 610 18.41 -29.15 19.58
CA PHE A 610 19.67 -29.37 18.84
C PHE A 610 20.60 -28.16 18.81
N GLY A 611 20.35 -27.18 19.67
CA GLY A 611 21.21 -26.00 19.76
C GLY A 611 21.00 -24.95 18.68
N GLU A 612 19.92 -25.11 17.91
CA GLU A 612 19.69 -24.25 16.78
C GLU A 612 18.65 -23.18 17.14
N PRO A 613 19.01 -21.88 16.99
CA PRO A 613 18.08 -20.81 17.36
C PRO A 613 16.77 -20.88 16.59
N ARG A 614 15.64 -20.83 17.31
CA ARG A 614 14.32 -20.90 16.67
C ARG A 614 13.93 -19.56 16.05
N GLY A 615 13.31 -19.59 14.87
CA GLY A 615 12.99 -18.35 14.16
C GLY A 615 12.16 -18.52 12.90
N TYR A 616 12.18 -17.48 12.06
CA TYR A 616 11.40 -17.43 10.82
C TYR A 616 12.24 -16.86 9.69
N ARG A 617 12.27 -17.56 8.55
CA ARG A 617 12.98 -17.07 7.37
C ARG A 617 12.11 -16.05 6.67
N ILE A 618 12.71 -14.95 6.23
CA ILE A 618 12.06 -14.00 5.36
C ILE A 618 12.66 -14.16 3.97
N LEU A 619 11.83 -14.41 2.98
CA LEU A 619 12.30 -14.58 1.61
C LEU A 619 11.37 -13.90 0.62
N PRO A 620 11.94 -13.30 -0.44
CA PRO A 620 11.12 -12.71 -1.50
C PRO A 620 10.54 -13.81 -2.40
N SER A 621 9.35 -14.29 -2.05
CA SER A 621 8.73 -15.38 -2.78
C SER A 621 8.32 -14.99 -4.21
N ALA A 622 7.82 -13.76 -4.35
CA ALA A 622 7.33 -13.28 -5.64
C ALA A 622 8.22 -12.20 -6.24
N GLY A 623 9.45 -12.06 -5.73
CA GLY A 623 10.37 -11.04 -6.23
C GLY A 623 10.08 -9.65 -5.70
N THR A 624 11.13 -8.84 -5.58
CA THR A 624 11.01 -7.49 -5.01
C THR A 624 12.05 -6.56 -5.65
N ALA A 625 12.00 -5.28 -5.29
CA ALA A 625 12.93 -4.30 -5.81
C ALA A 625 12.84 -3.00 -5.02
N HIS A 626 14.00 -2.41 -4.75
CA HIS A 626 14.05 -1.09 -4.10
C HIS A 626 14.30 0.01 -5.13
N LEU A 627 14.27 1.27 -4.69
CA LEU A 627 14.37 2.43 -5.58
C LEU A 627 15.69 2.44 -6.33
N THR A 628 15.62 2.58 -7.65
CA THR A 628 16.79 2.61 -8.53
C THR A 628 17.59 3.89 -8.30
N VAL A 629 16.86 5.01 -8.26
CA VAL A 629 17.48 6.34 -8.19
C VAL A 629 18.29 6.49 -6.93
N LEU A 630 19.54 6.92 -7.08
CA LEU A 630 20.43 7.16 -5.96
C LEU A 630 20.40 8.64 -5.61
N ASN A 631 20.26 8.97 -4.32
CA ASN A 631 20.15 10.35 -3.87
C ASN A 631 19.14 11.17 -4.69
N SER A 632 17.93 10.63 -4.86
CA SER A 632 16.90 11.27 -5.67
C SER A 632 16.77 12.77 -5.42
N SER A 633 16.76 13.55 -6.49
CA SER A 633 16.50 14.98 -6.41
C SER A 633 15.03 15.26 -6.09
N ASN A 634 14.13 14.36 -6.50
CA ASN A 634 12.71 14.50 -6.20
C ASN A 634 12.40 14.32 -4.71
N LEU A 635 13.05 13.34 -4.11
CA LEU A 635 12.71 12.90 -2.76
C LEU A 635 13.48 13.64 -1.69
N VAL A 636 14.76 13.87 -1.94
CA VAL A 636 15.66 14.41 -0.93
C VAL A 636 15.61 13.49 0.31
N HIS A 637 15.08 13.94 1.43
CA HIS A 637 15.05 13.10 2.64
C HIS A 637 13.69 12.41 2.89
N ALA A 638 12.77 12.50 1.93
CA ALA A 638 11.37 12.14 2.14
C ALA A 638 11.03 10.64 2.15
N ALA A 639 11.91 9.81 1.60
CA ALA A 639 11.65 8.37 1.48
C ALA A 639 12.94 7.56 1.55
N HIS A 640 13.67 7.67 2.66
CA HIS A 640 14.94 6.97 2.80
C HIS A 640 14.79 5.46 2.97
N TRP A 641 13.56 5.02 3.28
CA TRP A 641 13.26 3.61 3.42
C TRP A 641 13.27 2.89 2.06
N ALA A 642 13.15 3.65 0.98
CA ALA A 642 13.11 3.07 -0.37
C ALA A 642 14.48 2.62 -0.87
N GLU A 643 15.54 2.84 -0.10
CA GLU A 643 16.90 2.66 -0.61
C GLU A 643 17.49 1.25 -0.46
N TYR A 644 16.83 0.39 0.32
CA TYR A 644 17.27 -1.01 0.52
C TYR A 644 16.07 -1.97 0.56
N ASP A 645 16.33 -3.26 0.32
CA ASP A 645 15.27 -4.27 0.33
C ASP A 645 14.84 -4.61 1.74
N VAL A 646 15.81 -4.75 2.64
CA VAL A 646 15.57 -5.21 4.01
C VAL A 646 16.35 -4.32 4.95
N GLN A 647 15.66 -3.82 5.96
CA GLN A 647 16.23 -2.85 6.88
C GLN A 647 15.75 -3.18 8.29
N VAL A 648 16.69 -3.31 9.22
CA VAL A 648 16.35 -3.71 10.58
C VAL A 648 16.77 -2.63 11.56
N THR A 649 15.83 -2.25 12.43
CA THR A 649 16.07 -1.25 13.47
C THR A 649 15.54 -1.77 14.78
N ARG A 650 16.04 -1.20 15.88
CA ARG A 650 15.54 -1.55 17.19
C ARG A 650 14.19 -0.89 17.40
N GLN A 651 13.27 -1.64 18.01
CA GLN A 651 11.91 -1.14 18.23
C GLN A 651 11.90 0.01 19.24
N HIS A 652 11.13 1.03 18.92
CA HIS A 652 10.83 2.10 19.85
C HIS A 652 9.38 2.51 19.64
N ASP A 653 8.74 2.94 20.71
CA ASP A 653 7.38 3.43 20.59
C ASP A 653 7.34 4.79 19.93
N PHE A 654 8.47 5.51 19.96
CA PHE A 654 8.61 6.78 19.24
C PHE A 654 9.04 6.61 17.76
N GLU A 655 9.08 5.36 17.28
CA GLU A 655 9.26 5.09 15.85
C GLU A 655 8.22 4.08 15.38
N PRO A 656 6.93 4.45 15.43
CA PRO A 656 5.87 3.50 15.04
C PRO A 656 5.79 3.27 13.53
N THR A 657 6.09 4.31 12.76
CA THR A 657 5.95 4.29 11.31
C THR A 657 7.25 4.72 10.63
N SER A 658 7.53 4.16 9.46
CA SER A 658 8.69 4.56 8.67
C SER A 658 8.45 5.84 7.87
N ALA A 659 7.19 6.29 7.80
CA ALA A 659 6.86 7.49 7.04
C ALA A 659 5.86 8.40 7.76
N HIS A 660 5.56 9.52 7.11
CA HIS A 660 4.52 10.44 7.51
C HIS A 660 3.88 10.96 6.24
N PRO A 661 2.55 11.15 6.23
CA PRO A 661 1.84 11.56 5.01
C PRO A 661 2.35 12.86 4.38
N TYR A 662 2.79 13.81 5.22
CA TYR A 662 3.24 15.11 4.74
C TYR A 662 4.76 15.24 4.67
N ASN A 663 5.47 14.12 4.55
CA ASN A 663 6.91 14.18 4.21
C ASN A 663 7.10 14.98 2.91
N SER A 664 6.16 14.84 1.98
CA SER A 664 6.16 15.57 0.70
C SER A 664 6.07 17.09 0.84
N GLN A 665 5.62 17.57 1.99
CA GLN A 665 5.43 19.00 2.20
C GLN A 665 6.74 19.71 2.54
N ASP A 666 7.71 18.94 3.04
CA ASP A 666 9.01 19.49 3.43
C ASP A 666 10.10 18.43 3.25
N ILE A 667 10.47 18.19 2.01
CA ILE A 667 11.38 17.10 1.67
C ILE A 667 12.79 17.27 2.23
N HIS A 668 13.16 18.51 2.55
CA HIS A 668 14.46 18.78 3.19
C HIS A 668 14.41 18.63 4.71
N ASN A 669 13.22 18.64 5.29
CA ASN A 669 13.03 18.39 6.72
C ASN A 669 11.66 17.72 6.98
N PRO A 670 11.53 16.44 6.61
CA PRO A 670 10.26 15.72 6.76
C PRO A 670 9.98 15.31 8.21
N PRO A 671 8.68 15.23 8.60
CA PRO A 671 8.31 14.75 9.93
C PRO A 671 9.02 13.45 10.32
N VAL A 672 8.96 12.45 9.45
CA VAL A 672 9.70 11.20 9.67
C VAL A 672 10.78 11.05 8.60
N ASP A 673 12.02 11.16 9.05
CA ASP A 673 13.19 10.91 8.23
C ASP A 673 13.72 9.54 8.67
N PHE A 674 13.40 8.52 7.87
CA PHE A 674 13.75 7.14 8.17
C PHE A 674 15.25 6.95 8.45
N SER A 675 16.10 7.70 7.75
CA SER A 675 17.57 7.63 7.98
C SER A 675 17.98 7.74 9.44
N THR A 676 17.25 8.57 10.19
CA THR A 676 17.60 8.91 11.57
C THR A 676 17.30 7.76 12.55
N PHE A 677 16.61 6.72 12.07
CA PHE A 677 16.37 5.51 12.88
C PHE A 677 17.68 4.77 13.16
N PHE A 678 18.68 4.98 12.31
CA PHE A 678 19.94 4.23 12.38
C PHE A 678 21.02 5.03 13.13
N ASN A 679 21.13 4.73 14.42
CA ASN A 679 22.05 5.38 15.34
C ASN A 679 22.79 4.34 16.17
N GLY A 680 23.29 3.31 15.49
CA GLY A 680 24.22 2.34 16.07
C GLY A 680 23.74 1.50 17.25
N GLU A 681 22.43 1.38 17.42
CA GLU A 681 21.87 0.57 18.50
C GLU A 681 22.07 -0.92 18.24
N SER A 682 22.19 -1.69 19.32
CA SER A 682 22.45 -3.11 19.23
C SER A 682 21.18 -3.86 18.80
N LEU A 683 21.37 -4.82 17.90
CA LEU A 683 20.29 -5.70 17.46
C LEU A 683 20.59 -7.14 17.86
N ASN A 684 21.47 -7.31 18.85
CA ASN A 684 21.75 -8.63 19.42
C ASN A 684 20.81 -8.95 20.58
N GLN A 685 19.83 -9.81 20.32
CA GLN A 685 18.82 -10.19 21.31
C GLN A 685 18.16 -9.00 21.99
N THR A 686 17.69 -8.08 21.16
CA THR A 686 16.83 -6.98 21.60
C THR A 686 15.58 -7.03 20.75
N ASP A 687 14.64 -6.12 21.01
CA ASP A 687 13.41 -6.02 20.23
C ASP A 687 13.70 -5.32 18.91
N LEU A 688 13.60 -6.06 17.82
CA LEU A 688 13.88 -5.50 16.50
C LEU A 688 12.62 -5.40 15.65
N VAL A 689 12.68 -4.54 14.64
CA VAL A 689 11.63 -4.41 13.65
C VAL A 689 12.28 -4.60 12.29
N VAL A 690 11.71 -5.49 11.48
CA VAL A 690 12.17 -5.69 10.11
C VAL A 690 11.27 -4.88 9.19
N TRP A 691 11.89 -3.95 8.46
CA TRP A 691 11.19 -3.11 7.49
C TRP A 691 11.47 -3.66 6.08
N LEU A 692 10.42 -4.10 5.39
CA LEU A 692 10.56 -4.78 4.10
C LEU A 692 9.97 -3.97 2.96
N ASN A 693 10.69 -3.90 1.85
CA ASN A 693 10.15 -3.32 0.63
C ASN A 693 9.66 -4.38 -0.36
N LEU A 694 8.41 -4.27 -0.76
CA LEU A 694 7.94 -4.92 -1.97
C LEU A 694 8.07 -3.85 -3.05
N GLY A 695 8.29 -4.26 -4.30
CA GLY A 695 8.44 -3.29 -5.37
C GLY A 695 8.71 -3.87 -6.74
N MET A 696 8.65 -3.00 -7.76
CA MET A 696 8.75 -3.38 -9.16
C MET A 696 9.43 -2.27 -9.96
N HIS A 697 10.20 -2.65 -10.97
CA HIS A 697 10.66 -1.71 -11.98
C HIS A 697 9.68 -1.83 -13.13
N HIS A 698 8.96 -0.75 -13.42
CA HIS A 698 7.88 -0.79 -14.40
C HIS A 698 8.15 0.17 -15.54
N VAL A 699 8.50 -0.41 -16.70
CA VAL A 699 8.62 0.32 -17.94
C VAL A 699 7.47 -0.11 -18.83
N PRO A 700 6.31 0.58 -18.72
CA PRO A 700 5.11 0.11 -19.42
C PRO A 700 5.27 -0.02 -20.92
N HIS A 701 4.79 -1.15 -21.45
CA HIS A 701 4.75 -1.41 -22.88
C HIS A 701 3.30 -1.36 -23.39
N THR A 702 3.09 -1.76 -24.65
CA THR A 702 1.79 -1.68 -25.28
C THR A 702 0.73 -2.52 -24.57
N GLY A 703 1.16 -3.59 -23.92
CA GLY A 703 0.28 -4.44 -23.14
C GLY A 703 -0.20 -3.82 -21.83
N ASP A 704 0.32 -2.65 -21.49
CA ASP A 704 -0.22 -1.87 -20.38
C ASP A 704 -1.40 -0.98 -20.83
N LEU A 705 -1.76 -1.06 -22.10
CA LEU A 705 -2.93 -0.35 -22.62
C LEU A 705 -4.09 -1.34 -22.79
N PRO A 706 -5.27 -1.00 -22.26
CA PRO A 706 -5.66 0.20 -21.51
C PRO A 706 -5.16 0.22 -20.06
N ASN A 707 -5.00 -0.96 -19.45
CA ASN A 707 -4.57 -1.06 -18.06
C ASN A 707 -3.44 -2.04 -17.88
N THR A 708 -2.66 -1.81 -16.84
CA THR A 708 -1.65 -2.76 -16.40
C THR A 708 -2.38 -3.98 -15.84
N VAL A 709 -1.76 -5.14 -15.93
CA VAL A 709 -2.39 -6.39 -15.53
C VAL A 709 -1.75 -6.95 -14.25
N PHE A 710 -2.56 -7.56 -13.40
CA PHE A 710 -2.12 -8.09 -12.12
C PHE A 710 -1.19 -9.31 -12.25
N THR A 711 -1.26 -10.02 -13.36
CA THR A 711 -0.48 -11.24 -13.54
C THR A 711 1.01 -10.99 -13.38
N THR A 712 1.49 -9.93 -14.03
CA THR A 712 2.91 -9.65 -14.10
C THR A 712 3.36 -8.50 -13.18
N ALA A 713 2.45 -7.57 -12.87
CA ALA A 713 2.75 -6.50 -11.91
C ALA A 713 2.54 -7.05 -10.48
N HIS A 714 3.57 -7.71 -9.96
CA HIS A 714 3.44 -8.52 -8.77
C HIS A 714 4.75 -8.52 -7.99
N SER A 715 4.63 -8.53 -6.67
CA SER A 715 5.78 -8.49 -5.78
C SER A 715 5.33 -9.06 -4.43
N GLY A 716 6.17 -9.88 -3.82
CA GLY A 716 5.79 -10.52 -2.57
C GLY A 716 6.95 -11.04 -1.74
N VAL A 717 6.72 -11.10 -0.43
CA VAL A 717 7.63 -11.73 0.52
C VAL A 717 6.86 -12.79 1.30
N ALA A 718 7.59 -13.69 1.94
CA ALA A 718 6.98 -14.75 2.72
C ALA A 718 7.77 -14.99 3.99
N PHE A 719 7.06 -15.16 5.10
CA PHE A 719 7.69 -15.49 6.37
C PHE A 719 7.35 -16.94 6.62
N THR A 720 8.38 -17.78 6.78
CA THR A 720 8.18 -19.21 6.99
C THR A 720 8.96 -19.68 8.22
N PRO A 721 8.41 -20.64 8.98
CA PRO A 721 9.16 -21.16 10.12
C PRO A 721 10.51 -21.73 9.72
N LEU A 722 11.52 -21.51 10.57
CA LEU A 722 12.87 -21.97 10.31
C LEU A 722 13.42 -22.52 11.62
N ASN A 723 13.62 -23.85 11.67
CA ASN A 723 13.98 -24.57 12.88
C ASN A 723 13.12 -24.21 14.10
N TYR A 724 11.84 -23.94 13.84
CA TYR A 724 10.91 -23.40 14.82
C TYR A 724 10.12 -24.50 15.49
N LEU A 725 9.69 -25.47 14.67
CA LEU A 725 8.89 -26.59 15.14
C LEU A 725 9.70 -27.88 15.00
N PRO A 726 9.30 -28.95 15.71
CA PRO A 726 9.94 -30.25 15.53
C PRO A 726 9.86 -30.76 14.09
N GLY A 727 8.77 -30.41 13.40
CA GLY A 727 8.57 -30.85 12.02
C GLY A 727 7.66 -29.92 11.23
N ASP A 728 7.24 -30.38 10.05
CA ASP A 728 6.25 -29.69 9.22
C ASP A 728 4.86 -29.76 9.87
N PRO A 729 4.25 -28.59 10.19
CA PRO A 729 2.93 -28.61 10.82
C PRO A 729 1.76 -28.89 9.86
N SER A 730 2.00 -28.88 8.56
CA SER A 730 0.96 -29.19 7.57
C SER A 730 0.46 -30.63 7.71
N ARG A 731 1.31 -31.52 8.23
CA ARG A 731 0.94 -32.92 8.42
C ARG A 731 -0.17 -33.13 9.46
N GLU A 732 -0.56 -32.08 10.17
CA GLU A 732 -1.63 -32.21 11.14
C GLU A 732 -3.01 -32.08 10.51
N THR A 733 -3.06 -31.71 9.24
CA THR A 733 -4.34 -31.63 8.52
C THR A 733 -4.92 -33.02 8.20
N VAL A 734 -6.25 -33.12 8.30
CA VAL A 734 -7.00 -34.29 7.86
C VAL A 734 -7.15 -34.32 6.32
N ASN A 735 -6.99 -33.16 5.68
CA ASN A 735 -7.25 -33.05 4.24
C ASN A 735 -6.07 -33.53 3.39
N MET A 736 -5.69 -34.78 3.64
CA MET A 736 -4.63 -35.45 2.92
C MET A 736 -5.11 -36.87 2.64
N VAL A 737 -4.36 -37.61 1.83
CA VAL A 737 -4.77 -38.95 1.45
C VAL A 737 -3.57 -39.86 1.18
N ARG A 738 -3.77 -41.16 1.33
CA ARG A 738 -2.74 -42.14 0.97
C ARG A 738 -3.37 -43.34 0.28
N VAL A 739 -3.05 -43.51 -1.00
CA VAL A 739 -3.51 -44.67 -1.78
C VAL A 739 -2.41 -45.72 -1.86
N ASP A 740 -2.69 -46.91 -1.34
CA ASP A 740 -1.83 -48.07 -1.55
C ASP A 740 -2.35 -48.83 -2.77
N TYR A 741 -1.46 -49.37 -3.59
CA TYR A 741 -1.89 -50.00 -4.84
C TYR A 741 -1.00 -51.16 -5.29
N SER A 742 -1.61 -52.12 -5.97
CA SER A 742 -0.89 -53.26 -6.55
C SER A 742 -1.81 -54.04 -7.48
N ASP A 743 -1.20 -54.78 -8.42
CA ASP A 743 -1.94 -55.64 -9.35
C ASP A 743 -3.14 -54.92 -10.00
N GLY A 744 -2.95 -53.66 -10.37
CA GLY A 744 -3.92 -52.92 -11.16
C GLY A 744 -5.09 -52.26 -10.44
N ALA A 745 -5.07 -52.27 -9.11
CA ALA A 745 -6.14 -51.65 -8.34
C ALA A 745 -5.63 -51.14 -6.99
N ALA A 746 -6.38 -50.23 -6.38
CA ALA A 746 -6.07 -49.71 -5.06
C ALA A 746 -6.54 -50.69 -3.99
N THR A 747 -5.63 -51.10 -3.10
CA THR A 747 -5.97 -51.99 -1.99
C THR A 747 -6.50 -51.24 -0.79
N ALA A 748 -6.01 -50.02 -0.59
CA ALA A 748 -6.46 -49.18 0.53
C ALA A 748 -6.47 -47.70 0.15
N VAL A 749 -7.43 -46.96 0.69
CA VAL A 749 -7.47 -45.50 0.56
C VAL A 749 -7.71 -44.88 1.92
N ARG A 750 -6.65 -44.35 2.54
CA ARG A 750 -6.76 -43.71 3.83
C ARG A 750 -7.04 -42.22 3.60
N THR A 751 -8.14 -41.72 4.16
CA THR A 751 -8.56 -40.33 3.98
C THR A 751 -8.47 -39.49 5.27
N PHE A 752 -8.05 -40.12 6.37
CA PHE A 752 -7.63 -39.43 7.61
C PHE A 752 -8.71 -38.57 8.30
N GLY A 753 -9.96 -38.99 8.20
CA GLY A 753 -11.04 -38.32 8.93
C GLY A 753 -11.55 -37.04 8.31
N GLN A 754 -11.23 -36.79 7.04
CA GLN A 754 -11.81 -35.66 6.31
C GLN A 754 -13.27 -35.95 5.95
N SER A 755 -13.90 -34.96 5.35
CA SER A 755 -15.29 -35.06 4.93
C SER A 755 -15.47 -36.13 3.86
N ASN A 756 -16.48 -36.99 4.02
CA ASN A 756 -16.90 -37.93 2.97
C ASN A 756 -18.30 -37.54 2.50
N GLU A 757 -18.56 -36.24 2.53
CA GLU A 757 -19.87 -35.69 2.27
C GLU A 757 -20.15 -35.70 0.77
N THR A 758 -21.39 -36.03 0.43
CA THR A 758 -21.94 -35.81 -0.89
C THR A 758 -23.04 -34.77 -0.72
N CYS A 759 -22.92 -33.64 -1.40
CA CYS A 759 -23.92 -32.58 -1.31
C CYS A 759 -24.00 -31.83 -2.63
N SER A 760 -24.99 -30.94 -2.73
CA SER A 760 -25.25 -30.23 -3.98
C SER A 760 -25.26 -28.72 -3.78
N VAL A 761 -24.92 -27.98 -4.82
CA VAL A 761 -24.97 -26.52 -4.77
C VAL A 761 -25.67 -26.00 -6.01
N VAL A 762 -26.46 -24.96 -5.85
CA VAL A 762 -27.00 -24.24 -6.99
C VAL A 762 -26.09 -23.04 -7.23
N LEU A 763 -25.58 -22.95 -8.46
CA LEU A 763 -24.67 -21.88 -8.86
C LEU A 763 -25.43 -20.78 -9.57
N GLN A 764 -25.60 -19.65 -8.90
CA GLN A 764 -26.17 -18.46 -9.53
C GLN A 764 -25.03 -17.68 -10.18
N PRO A 765 -25.35 -16.87 -11.21
CA PRO A 765 -24.33 -15.97 -11.75
C PRO A 765 -23.98 -14.89 -10.74
N VAL A 766 -22.69 -14.68 -10.50
CA VAL A 766 -22.27 -13.76 -9.44
C VAL A 766 -22.66 -12.33 -9.78
N GLU A 767 -22.82 -12.04 -11.07
CA GLU A 767 -23.20 -10.71 -11.54
C GLU A 767 -24.50 -10.19 -10.92
N ASN A 768 -25.42 -11.09 -10.57
CA ASN A 768 -26.63 -10.71 -9.84
C ASN A 768 -26.34 -9.84 -8.61
N GLU A 769 -25.38 -10.29 -7.78
CA GLU A 769 -24.99 -9.56 -6.57
C GLU A 769 -24.40 -8.18 -6.86
N LEU A 770 -23.82 -8.02 -8.04
CA LEU A 770 -23.25 -6.73 -8.44
C LEU A 770 -24.29 -5.61 -8.42
N TRP A 771 -25.55 -5.92 -8.70
CA TRP A 771 -26.62 -4.92 -8.68
C TRP A 771 -26.82 -4.29 -7.30
N SER A 772 -26.41 -5.02 -6.24
CA SER A 772 -26.48 -4.50 -4.88
C SER A 772 -25.22 -3.76 -4.46
N TYR A 773 -24.39 -3.36 -5.43
CA TYR A 773 -23.25 -2.48 -5.17
C TYR A 773 -23.80 -1.10 -4.82
N GLN A 774 -23.40 -0.59 -3.66
CA GLN A 774 -23.87 0.72 -3.19
C GLN A 774 -22.74 1.75 -3.10
N GLY A 775 -21.56 1.29 -2.70
CA GLY A 775 -20.39 2.15 -2.62
C GLY A 775 -20.23 2.75 -1.24
N ASP A 776 -20.03 4.06 -1.20
CA ASP A 776 -19.58 4.75 0.02
C ASP A 776 -20.76 5.32 0.81
N VAL A 777 -20.94 4.82 2.03
CA VAL A 777 -22.03 5.25 2.90
C VAL A 777 -21.56 6.34 3.87
N VAL A 778 -22.03 7.56 3.65
CA VAL A 778 -21.58 8.72 4.41
C VAL A 778 -22.54 9.04 5.57
N VAL A 779 -21.98 9.26 6.75
CA VAL A 779 -22.72 9.71 7.93
C VAL A 779 -22.06 10.97 8.48
N ARG A 780 -22.83 12.06 8.58
CA ARG A 780 -22.30 13.34 9.10
C ARG A 780 -22.01 13.22 10.59
N LYS A 781 -20.82 13.65 11.02
CA LYS A 781 -20.37 13.51 12.42
C LYS A 781 -20.36 14.83 13.21
N PHE A 782 -20.46 15.95 12.51
CA PHE A 782 -20.73 17.24 13.15
C PHE A 782 -21.49 18.14 12.19
N PRO A 783 -22.77 18.44 12.49
CA PRO A 783 -23.57 17.88 13.60
C PRO A 783 -23.73 16.36 13.47
N TYR A 784 -23.65 15.66 14.59
CA TYR A 784 -23.73 14.20 14.59
C TYR A 784 -25.13 13.72 14.24
N ASP A 785 -25.27 13.13 13.05
CA ASP A 785 -26.57 12.69 12.52
C ASP A 785 -26.41 11.26 11.96
N PRO A 786 -26.37 10.25 12.86
CA PRO A 786 -26.15 8.86 12.43
C PRO A 786 -27.39 8.18 11.81
N ASN A 787 -28.57 8.75 12.01
CA ASN A 787 -29.82 8.16 11.50
C ASN A 787 -30.20 8.62 10.09
N ASP A 788 -29.41 9.53 9.50
CA ASP A 788 -29.65 10.01 8.14
C ASP A 788 -28.41 9.85 7.24
N PRO A 789 -28.03 8.59 6.93
CA PRO A 789 -26.92 8.35 6.01
C PRO A 789 -27.31 8.67 4.57
N PHE A 790 -26.31 8.85 3.71
CA PHE A 790 -26.54 9.28 2.33
C PHE A 790 -25.33 8.99 1.45
N TYR A 791 -25.40 9.40 0.19
CA TYR A 791 -24.32 9.23 -0.77
C TYR A 791 -24.09 10.54 -1.55
#